data_8ZJ4
#
_entry.id   8ZJ4
#
_cell.length_a   1.00
_cell.length_b   1.00
_cell.length_c   1.00
_cell.angle_alpha   90.00
_cell.angle_beta   90.00
_cell.angle_gamma   90.00
#
_symmetry.space_group_name_H-M   'P 1'
#
loop_
_entity.id
_entity.type
_entity.pdbx_description
1 polymer 'Enteropeptidase catalytic light chain'
2 polymer 'Serine protease 1'
3 polymer 'Enteropeptidase non-catalytic heavy chain'
4 branched beta-D-mannopyranose-(1-4)-2-acetamido-2-deoxy-beta-D-glucopyranose-(1-4)-2-acetamido-2-deoxy-beta-D-glucopyranose
5 branched beta-D-mannopyranose-(1-4)-2-acetamido-2-deoxy-beta-D-glucopyranose-(1-6)-2-acetamido-2-deoxy-beta-D-glucopyranose
6 branched 2-acetamido-2-deoxy-beta-D-glucopyranose-(1-4)-2-acetamido-2-deoxy-beta-D-glucopyranose
7 branched alpha-D-mannopyranose-(1-6)-beta-D-mannopyranose-(1-4)-2-acetamido-2-deoxy-beta-D-glucopyranose-(1-4)-2-acetamido-2-deoxy-beta-D-glucopyranose
8 branched beta-D-mannopyranose-(1-6)-2-acetamido-2-deoxy-beta-D-glucopyranose-(1-6)-2-acetamido-2-deoxy-beta-D-glucopyranose
9 branched alpha-D-mannopyranose-(1-3)-beta-D-mannopyranose-(1-4)-2-acetamido-2-deoxy-beta-D-glucopyranose-(1-4)-2-acetamido-2-deoxy-beta-D-glucopyranose
10 branched alpha-D-mannopyranose-(1-3)-beta-D-mannopyranose-(1-6)-2-acetamido-2-deoxy-beta-D-glucopyranose-(1-4)-2-acetamido-2-deoxy-beta-D-glucopyranose
11 non-polymer 2-acetamido-2-deoxy-beta-D-glucopyranose
#
loop_
_entity_poly.entity_id
_entity_poly.type
_entity_poly.pdbx_seq_one_letter_code
_entity_poly.pdbx_strand_id
1 'polypeptide(L)'
;IVGGSNAKEGAWPWVVGLYYGGRLLCGASLVSSDWLVSAAACVYGRNLEPSKWTAILGLHMKSNLTSPQTVPRLIDEIVI
NPHYNRRRKDNAIAMMHLEFKVNYTDYIQPICLPEENQVFPPGRNCSIAGWGTVVYQGTTANILQEADVPLLSNERCQQQ
MPEYNITENMICAGYEEGGIDSCQGDAGGPLMCQENNRWFLAGVTSFGYKCALPNRPGVYARVSRFTEWIQSFLH
;
D
2 'polypeptide(L)'
;APFDDDDKIVGGYNCEENSVPYQVSLNSGYHFCGGSLINEQWVVSAGHCYKSRIQVRLGEHNIEVLEGNEQFINAAKIIR
HPQYDRKTLNNDIMLIKLSSRAVINARVSTISLPTAPPATGTKCLISGWGNTASSGADYPDELQCLDAPVLSQAKCEASY
PGKITSNMFCVGFLEGGKDSCQGDSGGPVVCNGQLQGVVSWGDGCAQKNKPGVYTKVYNYVKWIKNTIAANS
;
C
3 'polypeptide(L)'
;IECLPGSSPCTDALTCIKADLFCDGEVNCPDGSDEDNKMCATVCDGRFLLTGSSGSFQATHYPKPSETSVVCQWIIRVNQ
GLSIKLSFDDFNTYYTDILDIYEGVGSSKILRASIWETNPGTIRIFSNQVTATFLIESDESDYVGFNATYTAFNSSELNN
YEKINCNFEDGFCFWVQDLNDDNEWERIQGSTFSPFTGPNFDHTFGNASGFYISTPTGPGGRQERVGLLSLPLDPTLEPA
CLSFWYHMYGENVHKLSINISNDQNMEKTVFQKEGNYGDNWNYGQVTLNETVKFKVAFNAFKNKILSDIALDDISLTYGI
CNGSLYPEPTLVPTPPPELPTDCGGPFELWEPNTTFSSTNFPNSYPNLAFCVWILNAQKGKNIQLHFQEFDLENINDVVE
IRDGEEADSLLLAVYTGPGPVKDVFSTTNRMTVLLITADVLARGGFKANFTTGYHLGIPEPCKADHFQCKNGECVPLVNL
CDGHLHCEDGSDEADCVRFFNGTTNNNGLVRFRIQSIWHTACAENWTTQISNDVCQLLGLGSGNSSKPIFPTDGGPFVKL
NTAPDGHLILTPSQQCLQDSLIRLQCNHKSCGKKLAAQDITPK
;
A
#
# COMPACT_ATOMS: atom_id res chain seq x y z
N ILE A 1 -2.61 -18.62 3.12
CA ILE A 1 -2.10 -19.26 1.91
C ILE A 1 -2.89 -20.53 1.66
N VAL A 2 -3.75 -20.88 2.62
CA VAL A 2 -4.66 -22.03 2.55
C VAL A 2 -3.87 -23.33 2.57
N GLY A 3 -4.09 -24.14 3.61
CA GLY A 3 -3.44 -25.42 3.75
C GLY A 3 -2.30 -25.45 4.75
N GLY A 4 -1.82 -24.30 5.21
CA GLY A 4 -0.74 -24.27 6.17
C GLY A 4 -1.18 -24.64 7.57
N SER A 5 -0.21 -24.97 8.40
CA SER A 5 -0.44 -25.34 9.79
C SER A 5 0.52 -24.59 10.68
N ASN A 6 0.06 -24.23 11.88
CA ASN A 6 0.88 -23.46 12.81
C ASN A 6 2.04 -24.31 13.33
N ALA A 7 3.24 -23.75 13.27
CA ALA A 7 4.41 -24.44 13.77
C ALA A 7 4.42 -24.46 15.29
N LYS A 8 5.01 -25.51 15.85
CA LYS A 8 5.12 -25.63 17.30
C LYS A 8 6.13 -24.63 17.85
N GLU A 9 6.05 -24.40 19.16
CA GLU A 9 6.94 -23.46 19.82
C GLU A 9 8.38 -23.96 19.75
N GLY A 10 9.25 -23.18 19.09
CA GLY A 10 10.63 -23.56 18.96
C GLY A 10 10.89 -24.74 18.07
N ALA A 11 9.91 -25.11 17.22
CA ALA A 11 10.07 -26.27 16.34
C ALA A 11 10.97 -25.98 15.14
N TRP A 12 11.25 -24.71 14.86
CA TRP A 12 12.09 -24.31 13.73
C TRP A 12 13.15 -23.33 14.22
N PRO A 13 14.15 -23.80 14.96
CA PRO A 13 15.21 -22.91 15.44
C PRO A 13 16.11 -22.39 14.33
N TRP A 14 16.09 -23.01 13.15
CA TRP A 14 16.95 -22.64 12.04
C TRP A 14 16.33 -21.58 11.14
N VAL A 15 15.16 -21.05 11.48
CA VAL A 15 14.49 -20.03 10.68
C VAL A 15 14.59 -18.70 11.41
N VAL A 16 15.12 -17.69 10.73
CA VAL A 16 15.32 -16.37 11.28
C VAL A 16 14.56 -15.36 10.42
N GLY A 17 13.74 -14.53 11.07
CA GLY A 17 12.99 -13.53 10.34
C GLY A 17 13.83 -12.32 9.98
N LEU A 18 13.39 -11.60 8.95
CA LEU A 18 14.07 -10.39 8.50
C LEU A 18 13.08 -9.23 8.50
N TYR A 19 13.49 -8.10 9.08
CA TYR A 19 12.66 -6.91 9.16
C TYR A 19 13.36 -5.77 8.42
N TYR A 20 12.61 -5.12 7.52
CA TYR A 20 13.11 -3.95 6.78
C TYR A 20 12.20 -2.79 7.13
N GLY A 21 12.69 -1.88 7.96
CA GLY A 21 11.90 -0.75 8.41
C GLY A 21 10.92 -1.06 9.51
N GLY A 22 11.03 -2.22 10.15
CA GLY A 22 10.13 -2.61 11.21
C GLY A 22 9.03 -3.57 10.83
N ARG A 23 9.03 -4.08 9.59
CA ARG A 23 8.01 -5.00 9.12
C ARG A 23 8.66 -6.29 8.65
N LEU A 24 8.11 -7.42 9.06
CA LEU A 24 8.62 -8.72 8.61
C LEU A 24 8.30 -8.89 7.14
N LEU A 25 9.31 -9.28 6.36
CA LEU A 25 9.13 -9.39 4.92
C LEU A 25 9.62 -10.74 4.38
N CYS A 26 10.60 -11.35 5.05
CA CYS A 26 11.23 -12.54 4.50
C CYS A 26 11.86 -13.34 5.64
N GLY A 27 12.30 -14.55 5.30
CA GLY A 27 12.95 -15.42 6.25
C GLY A 27 14.30 -15.89 5.71
N ALA A 28 15.07 -16.51 6.59
CA ALA A 28 16.41 -16.97 6.25
C ALA A 28 16.76 -18.18 7.11
N SER A 29 17.82 -18.87 6.69
CA SER A 29 18.33 -20.04 7.38
C SER A 29 19.72 -19.75 7.94
N LEU A 30 19.97 -20.27 9.15
CA LEU A 30 21.23 -20.06 9.85
C LEU A 30 22.23 -21.12 9.41
N VAL A 31 23.20 -20.72 8.57
CA VAL A 31 24.17 -21.66 8.03
C VAL A 31 25.41 -21.75 8.91
N SER A 32 25.82 -20.64 9.52
CA SER A 32 27.01 -20.62 10.37
C SER A 32 26.80 -19.60 11.48
N SER A 33 27.88 -19.26 12.18
CA SER A 33 27.81 -18.31 13.27
C SER A 33 27.81 -16.86 12.81
N ASP A 34 28.03 -16.60 11.52
CA ASP A 34 28.05 -15.23 11.03
C ASP A 34 27.38 -15.05 9.68
N TRP A 35 26.65 -16.05 9.18
CA TRP A 35 26.02 -15.95 7.88
C TRP A 35 24.59 -16.48 7.93
N LEU A 36 23.75 -15.90 7.09
CA LEU A 36 22.37 -16.32 6.88
C LEU A 36 22.14 -16.46 5.38
N VAL A 37 21.33 -17.45 4.99
CA VAL A 37 20.99 -17.68 3.60
C VAL A 37 19.49 -17.42 3.42
N SER A 38 19.15 -16.47 2.55
CA SER A 38 17.77 -16.09 2.31
C SER A 38 17.53 -15.99 0.81
N ALA A 39 16.26 -15.84 0.44
CA ALA A 39 15.90 -15.68 -0.96
C ALA A 39 16.41 -14.33 -1.48
N ALA A 40 16.99 -14.35 -2.68
CA ALA A 40 17.52 -13.12 -3.26
C ALA A 40 16.41 -12.21 -3.76
N ALA A 41 15.29 -12.78 -4.19
CA ALA A 41 14.20 -11.96 -4.72
C ALA A 41 13.59 -11.06 -3.64
N CYS A 42 13.42 -11.59 -2.43
CA CYS A 42 12.79 -10.81 -1.36
C CYS A 42 13.70 -9.75 -0.79
N VAL A 43 15.00 -9.77 -1.11
CA VAL A 43 15.94 -8.78 -0.63
C VAL A 43 16.64 -8.04 -1.78
N TYR A 44 16.17 -8.24 -3.01
CA TYR A 44 16.81 -7.62 -4.16
C TYR A 44 16.54 -6.12 -4.17
N GLY A 45 17.59 -5.33 -4.41
CA GLY A 45 17.47 -3.89 -4.46
C GLY A 45 17.61 -3.18 -3.13
N ARG A 46 17.52 -3.90 -2.02
CA ARG A 46 17.64 -3.31 -0.69
C ARG A 46 18.98 -3.62 -0.04
N ASN A 47 19.93 -4.16 -0.81
CA ASN A 47 21.23 -4.53 -0.25
C ASN A 47 22.19 -3.35 -0.15
N LEU A 48 21.85 -2.20 -0.72
CA LEU A 48 22.73 -1.04 -0.64
C LEU A 48 22.80 -0.46 0.77
N GLU A 49 21.79 -0.68 1.60
CA GLU A 49 21.74 -0.16 2.96
C GLU A 49 21.47 -1.33 3.91
N PRO A 50 22.50 -2.10 4.25
CA PRO A 50 22.29 -3.25 5.14
C PRO A 50 21.81 -2.87 6.53
N SER A 51 22.02 -1.62 6.96
CA SER A 51 21.63 -1.20 8.30
C SER A 51 20.12 -1.25 8.50
N LYS A 52 19.34 -1.17 7.43
CA LYS A 52 17.89 -1.23 7.55
C LYS A 52 17.35 -2.65 7.69
N TRP A 53 18.20 -3.66 7.57
CA TRP A 53 17.80 -5.06 7.71
C TRP A 53 18.14 -5.54 9.11
N THR A 54 17.13 -5.98 9.85
CA THR A 54 17.32 -6.53 11.19
C THR A 54 16.94 -8.00 11.17
N ALA A 55 17.85 -8.86 11.63
CA ALA A 55 17.64 -10.29 11.64
C ALA A 55 17.24 -10.74 13.04
N ILE A 56 16.06 -11.35 13.15
CA ILE A 56 15.58 -11.88 14.41
C ILE A 56 15.69 -13.40 14.37
N LEU A 57 16.71 -13.95 15.00
CA LEU A 57 16.90 -15.39 15.04
C LEU A 57 16.03 -16.00 16.12
N GLY A 58 15.52 -17.21 15.86
CA GLY A 58 14.63 -17.86 16.79
C GLY A 58 13.26 -17.23 16.87
N LEU A 59 12.86 -16.49 15.83
CA LEU A 59 11.56 -15.81 15.84
C LEU A 59 10.44 -16.84 15.74
N HIS A 60 9.45 -16.70 16.63
CA HIS A 60 8.27 -17.56 16.61
C HIS A 60 7.00 -16.77 16.34
N MET A 61 6.75 -15.69 17.08
CA MET A 61 5.59 -14.85 16.88
C MET A 61 6.02 -13.40 16.88
N LYS A 62 5.26 -12.58 16.15
CA LYS A 62 5.56 -11.16 16.03
C LYS A 62 5.02 -10.34 17.21
N SER A 63 4.35 -10.99 18.16
CA SER A 63 3.80 -10.27 19.31
C SER A 63 4.91 -9.64 20.15
N ASN A 64 6.01 -10.36 20.36
CA ASN A 64 7.12 -9.86 21.15
C ASN A 64 8.43 -10.24 20.48
N LEU A 65 9.47 -9.46 20.79
CA LEU A 65 10.81 -9.70 20.27
C LEU A 65 11.90 -9.65 21.33
N THR A 66 11.68 -8.98 22.46
CA THR A 66 12.70 -8.84 23.51
C THR A 66 12.62 -10.05 24.44
N SER A 67 13.06 -11.19 23.91
CA SER A 67 13.09 -12.44 24.64
C SER A 67 14.45 -13.10 24.47
N PRO A 68 14.91 -13.85 25.48
CA PRO A 68 16.18 -14.57 25.32
C PRO A 68 16.17 -15.56 24.17
N GLN A 69 15.02 -16.15 23.86
CA GLN A 69 14.94 -17.11 22.75
C GLN A 69 15.14 -16.45 21.40
N THR A 70 14.94 -15.13 21.30
CA THR A 70 15.11 -14.40 20.06
C THR A 70 16.39 -13.59 20.12
N VAL A 71 17.22 -13.70 19.08
CA VAL A 71 18.50 -13.02 19.01
C VAL A 71 18.38 -11.92 17.95
N PRO A 72 18.44 -10.64 18.33
CA PRO A 72 18.44 -9.57 17.33
C PRO A 72 19.85 -9.29 16.84
N ARG A 73 19.97 -9.08 15.53
CA ARG A 73 21.25 -8.77 14.92
C ARG A 73 21.05 -7.76 13.79
N LEU A 74 22.12 -7.02 13.49
CA LEU A 74 22.12 -6.03 12.43
C LEU A 74 22.97 -6.54 11.27
N ILE A 75 22.40 -6.51 10.07
CA ILE A 75 23.10 -7.00 8.88
C ILE A 75 24.11 -5.95 8.42
N ASP A 76 25.33 -6.39 8.17
CA ASP A 76 26.42 -5.52 7.72
C ASP A 76 26.75 -5.66 6.25
N GLU A 77 26.79 -6.89 5.73
CA GLU A 77 27.13 -7.12 4.33
C GLU A 77 26.12 -8.09 3.72
N ILE A 78 25.66 -7.77 2.52
CA ILE A 78 24.72 -8.60 1.77
C ILE A 78 25.36 -8.97 0.44
N VAL A 79 25.38 -10.26 0.13
CA VAL A 79 25.97 -10.78 -1.10
C VAL A 79 24.86 -11.41 -1.91
N ILE A 80 24.75 -11.00 -3.18
CA ILE A 80 23.75 -11.53 -4.11
C ILE A 80 24.43 -12.48 -5.06
N ASN A 81 23.82 -13.63 -5.30
CA ASN A 81 24.40 -14.62 -6.19
C ASN A 81 24.50 -14.07 -7.61
N PRO A 82 25.68 -14.14 -8.23
CA PRO A 82 25.83 -13.55 -9.58
C PRO A 82 24.90 -14.16 -10.62
N HIS A 83 24.59 -15.45 -10.51
CA HIS A 83 23.79 -16.12 -11.52
C HIS A 83 22.32 -15.70 -11.50
N TYR A 84 21.89 -14.96 -10.49
CA TYR A 84 20.52 -14.47 -10.46
C TYR A 84 20.28 -13.49 -11.59
N ASN A 85 19.14 -13.65 -12.27
CA ASN A 85 18.83 -12.84 -13.45
C ASN A 85 17.59 -11.97 -13.31
N ARG A 86 16.65 -12.32 -12.42
CA ARG A 86 15.41 -11.62 -12.16
C ARG A 86 14.43 -11.70 -13.33
N ARG A 87 14.81 -12.31 -14.44
CA ARG A 87 13.90 -12.49 -15.57
C ARG A 87 13.07 -13.75 -15.42
N ARG A 88 13.71 -14.89 -15.21
CA ARG A 88 13.03 -16.15 -14.95
C ARG A 88 12.92 -16.46 -13.46
N LYS A 89 13.37 -15.56 -12.59
CA LYS A 89 13.33 -15.75 -11.15
C LYS A 89 14.07 -17.03 -10.74
N ASP A 90 15.20 -17.29 -11.37
CA ASP A 90 16.02 -18.45 -11.08
C ASP A 90 17.24 -18.05 -10.25
N ASN A 91 17.75 -19.02 -9.47
CA ASN A 91 18.94 -18.83 -8.65
C ASN A 91 18.77 -17.67 -7.68
N ALA A 92 17.60 -17.59 -7.03
CA ALA A 92 17.30 -16.53 -6.08
C ALA A 92 17.87 -16.92 -4.72
N ILE A 93 19.19 -16.79 -4.61
CA ILE A 93 19.92 -17.11 -3.38
C ILE A 93 20.77 -15.90 -3.00
N ALA A 94 20.69 -15.50 -1.74
CA ALA A 94 21.46 -14.38 -1.22
C ALA A 94 21.94 -14.71 0.18
N MET A 95 23.03 -14.06 0.59
CA MET A 95 23.63 -14.28 1.89
C MET A 95 23.75 -12.95 2.63
N MET A 96 23.63 -13.02 3.96
CA MET A 96 23.71 -11.86 4.83
C MET A 96 24.66 -12.16 5.98
N HIS A 97 25.30 -11.12 6.50
CA HIS A 97 26.31 -11.26 7.54
C HIS A 97 25.75 -10.81 8.89
N LEU A 98 25.95 -11.64 9.91
CA LEU A 98 25.42 -11.37 11.25
C LEU A 98 26.52 -10.78 12.12
N GLU A 99 26.79 -9.48 11.90
CA GLU A 99 27.74 -8.72 12.70
C GLU A 99 29.10 -9.40 12.80
N PHE A 100 29.41 -9.95 13.97
CA PHE A 100 30.70 -10.62 14.20
C PHE A 100 30.54 -12.11 14.45
N LYS A 101 29.76 -12.49 15.46
CA LYS A 101 29.58 -13.89 15.80
C LYS A 101 28.20 -14.09 16.43
N VAL A 102 27.71 -15.32 16.35
CA VAL A 102 26.43 -15.70 16.95
C VAL A 102 26.62 -17.04 17.67
N ASN A 103 26.13 -17.14 18.90
CA ASN A 103 26.22 -18.36 19.67
C ASN A 103 25.15 -19.36 19.19
N TYR A 104 25.05 -20.49 19.87
CA TYR A 104 24.05 -21.51 19.58
C TYR A 104 23.40 -21.97 20.88
N THR A 105 22.10 -22.24 20.81
CA THR A 105 21.36 -22.73 21.97
C THR A 105 20.21 -23.61 21.49
N ASP A 106 19.27 -23.90 22.39
CA ASP A 106 18.15 -24.75 22.03
C ASP A 106 17.27 -24.11 20.96
N TYR A 107 17.01 -22.80 21.09
CA TYR A 107 16.16 -22.09 20.14
C TYR A 107 16.95 -21.47 19.00
N ILE A 108 18.28 -21.54 19.04
CA ILE A 108 19.14 -21.01 17.98
C ILE A 108 20.03 -22.16 17.53
N GLN A 109 19.67 -22.80 16.42
CA GLN A 109 20.40 -23.96 15.94
C GLN A 109 20.82 -23.76 14.49
N PRO A 110 21.94 -24.36 14.09
CA PRO A 110 22.42 -24.19 12.71
C PRO A 110 21.59 -24.97 11.70
N ILE A 111 22.04 -25.00 10.45
CA ILE A 111 21.40 -25.75 9.39
C ILE A 111 22.46 -26.59 8.69
N CYS A 112 22.01 -27.62 7.97
CA CYS A 112 22.88 -28.55 7.28
C CYS A 112 22.73 -28.37 5.77
N LEU A 113 23.85 -28.13 5.09
CA LEU A 113 23.84 -28.03 3.65
C LEU A 113 23.89 -29.41 3.01
N PRO A 114 23.36 -29.54 1.79
CA PRO A 114 23.39 -30.85 1.12
C PRO A 114 24.82 -31.31 0.87
N GLU A 115 25.02 -32.62 0.96
CA GLU A 115 26.33 -33.20 0.73
C GLU A 115 26.58 -33.38 -0.77
N GLU A 116 27.79 -33.80 -1.10
CA GLU A 116 28.16 -34.03 -2.48
C GLU A 116 27.43 -35.24 -3.04
N ASN A 117 27.00 -35.14 -4.30
CA ASN A 117 26.32 -36.23 -5.01
C ASN A 117 25.07 -36.68 -4.26
N GLN A 118 24.32 -35.73 -3.73
CA GLN A 118 23.06 -36.00 -3.04
C GLN A 118 21.91 -35.59 -3.94
N VAL A 119 21.02 -36.53 -4.24
CA VAL A 119 19.88 -36.30 -5.11
C VAL A 119 18.60 -36.60 -4.35
N PHE A 120 17.68 -35.65 -4.33
CA PHE A 120 16.39 -35.83 -3.68
C PHE A 120 15.45 -36.57 -4.62
N PRO A 121 14.91 -37.73 -4.24
CA PRO A 121 14.04 -38.46 -5.15
C PRO A 121 12.73 -37.72 -5.36
N PRO A 122 12.12 -37.87 -6.53
CA PRO A 122 10.81 -37.24 -6.76
C PRO A 122 9.74 -37.87 -5.89
N GLY A 123 8.74 -37.06 -5.55
CA GLY A 123 7.67 -37.52 -4.67
C GLY A 123 8.03 -37.54 -3.21
N ARG A 124 9.20 -37.05 -2.83
CA ARG A 124 9.64 -37.06 -1.45
C ARG A 124 8.89 -36.00 -0.66
N ASN A 125 8.16 -36.38 0.41
CA ASN A 125 7.34 -35.33 1.11
C ASN A 125 8.12 -34.69 2.26
N CYS A 126 8.59 -33.46 2.04
CA CYS A 126 9.48 -32.63 2.82
C CYS A 126 8.72 -31.42 3.36
N SER A 127 9.27 -30.82 4.41
CA SER A 127 8.60 -29.76 5.15
C SER A 127 9.03 -28.39 4.67
N ILE A 128 8.10 -27.44 4.74
CA ILE A 128 8.35 -26.04 4.43
C ILE A 128 7.82 -25.19 5.59
N ALA A 129 8.45 -24.03 5.79
CA ALA A 129 8.08 -23.13 6.86
C ALA A 129 7.88 -21.71 6.35
N GLY A 130 7.72 -20.76 7.27
CA GLY A 130 7.54 -19.37 6.90
C GLY A 130 6.29 -18.79 7.53
N TRP A 131 6.33 -17.47 7.78
CA TRP A 131 5.20 -16.77 8.40
C TRP A 131 4.20 -16.36 7.33
N GLY A 132 3.45 -17.35 6.85
CA GLY A 132 2.46 -17.12 5.83
C GLY A 132 1.18 -16.54 6.39
N THR A 133 0.22 -16.33 5.49
CA THR A 133 -1.07 -15.77 5.83
C THR A 133 -2.13 -16.85 5.81
N VAL A 134 -3.28 -16.55 6.43
CA VAL A 134 -4.41 -17.48 6.41
C VAL A 134 -4.97 -17.60 4.99
N VAL A 135 -5.01 -16.50 4.26
CA VAL A 135 -5.46 -16.48 2.87
C VAL A 135 -4.65 -15.42 2.13
N TYR A 136 -4.70 -15.47 0.80
CA TYR A 136 -3.91 -14.55 0.00
C TYR A 136 -4.35 -13.11 0.22
N GLN A 137 -5.66 -12.86 0.32
CA GLN A 137 -6.20 -11.52 0.52
C GLN A 137 -6.47 -11.22 1.99
N GLY A 138 -5.71 -11.83 2.90
CA GLY A 138 -5.94 -11.62 4.32
C GLY A 138 -4.74 -11.06 5.06
N THR A 139 -4.79 -11.11 6.39
CA THR A 139 -3.73 -10.61 7.23
C THR A 139 -2.71 -11.69 7.52
N THR A 140 -1.44 -11.31 7.57
CA THR A 140 -0.38 -12.27 7.86
C THR A 140 -0.56 -12.87 9.25
N ALA A 141 -0.44 -14.19 9.34
CA ALA A 141 -0.63 -14.88 10.61
C ALA A 141 0.51 -14.55 11.57
N ASN A 142 0.16 -14.43 12.86
CA ASN A 142 1.14 -14.14 13.89
C ASN A 142 1.92 -15.37 14.33
N ILE A 143 1.52 -16.56 13.89
CA ILE A 143 2.16 -17.81 14.27
C ILE A 143 2.88 -18.38 13.06
N LEU A 144 4.08 -18.89 13.27
CA LEU A 144 4.85 -19.50 12.19
C LEU A 144 4.07 -20.64 11.55
N GLN A 145 4.03 -20.65 10.22
CA GLN A 145 3.25 -21.63 9.47
C GLN A 145 4.18 -22.69 8.89
N GLU A 146 3.79 -23.95 9.05
CA GLU A 146 4.55 -25.08 8.53
C GLU A 146 3.62 -25.98 7.72
N ALA A 147 4.22 -26.68 6.75
CA ALA A 147 3.44 -27.58 5.90
C ALA A 147 4.37 -28.68 5.39
N ASP A 148 3.76 -29.74 4.86
CA ASP A 148 4.49 -30.86 4.28
C ASP A 148 3.99 -31.06 2.85
N VAL A 149 4.91 -31.03 1.89
CA VAL A 149 4.55 -31.15 0.48
C VAL A 149 5.48 -32.17 -0.19
N PRO A 150 5.02 -32.88 -1.20
CA PRO A 150 5.92 -33.80 -1.93
C PRO A 150 6.66 -33.11 -3.07
N LEU A 151 7.88 -33.58 -3.30
CA LEU A 151 8.71 -33.03 -4.36
C LEU A 151 8.22 -33.49 -5.72
N LEU A 152 8.55 -32.70 -6.74
CA LEU A 152 8.24 -33.04 -8.13
C LEU A 152 9.49 -32.90 -8.98
N SER A 153 9.69 -33.86 -9.88
CA SER A 153 10.82 -33.81 -10.78
C SER A 153 10.65 -32.68 -11.79
N ASN A 154 11.79 -32.17 -12.29
CA ASN A 154 11.76 -31.07 -13.25
C ASN A 154 11.06 -31.47 -14.54
N GLU A 155 11.31 -32.70 -15.01
CA GLU A 155 10.68 -33.15 -16.25
C GLU A 155 9.16 -33.18 -16.13
N ARG A 156 8.65 -33.68 -15.00
CA ARG A 156 7.21 -33.68 -14.79
C ARG A 156 6.68 -32.29 -14.51
N CYS A 157 7.46 -31.45 -13.82
CA CYS A 157 7.01 -30.10 -13.51
C CYS A 157 6.88 -29.25 -14.77
N GLN A 158 7.73 -29.49 -15.77
CA GLN A 158 7.60 -28.77 -17.03
C GLN A 158 6.26 -29.09 -17.71
N GLN A 159 5.88 -30.37 -17.73
CA GLN A 159 4.60 -30.75 -18.31
C GLN A 159 3.43 -30.22 -17.49
N GLN A 160 3.54 -30.29 -16.16
CA GLN A 160 2.43 -29.84 -15.31
C GLN A 160 2.33 -28.32 -15.26
N MET A 161 3.46 -27.62 -15.35
CA MET A 161 3.50 -26.16 -15.28
C MET A 161 4.26 -25.62 -16.48
N PRO A 162 3.57 -25.46 -17.62
CA PRO A 162 4.19 -24.86 -18.83
C PRO A 162 4.17 -23.34 -18.81
N GLU A 163 4.57 -22.75 -17.68
CA GLU A 163 4.57 -21.31 -17.51
C GLU A 163 5.96 -20.73 -17.26
N TYR A 164 6.85 -21.45 -16.60
CA TYR A 164 8.19 -20.97 -16.31
C TYR A 164 9.22 -21.99 -16.77
N ASN A 165 10.43 -21.51 -17.04
CA ASN A 165 11.49 -22.40 -17.50
C ASN A 165 11.87 -23.40 -16.41
N ILE A 166 12.00 -22.94 -15.16
CA ILE A 166 12.24 -23.80 -14.01
C ILE A 166 13.57 -24.53 -14.15
N THR A 167 13.62 -25.48 -15.10
CA THR A 167 14.81 -26.28 -15.37
C THR A 167 15.31 -26.99 -14.12
N GLU A 168 16.57 -27.44 -14.15
CA GLU A 168 17.16 -28.16 -13.03
C GLU A 168 17.74 -27.25 -11.96
N ASN A 169 17.79 -25.93 -12.21
CA ASN A 169 18.31 -25.01 -11.21
C ASN A 169 17.38 -24.84 -10.02
N MET A 170 16.11 -25.21 -10.16
CA MET A 170 15.15 -25.12 -9.08
C MET A 170 14.22 -26.33 -9.14
N ILE A 171 13.63 -26.65 -8.00
CA ILE A 171 12.83 -27.87 -7.84
C ILE A 171 11.41 -27.48 -7.45
N CYS A 172 10.43 -28.18 -8.04
CA CYS A 172 9.03 -27.96 -7.73
C CYS A 172 8.59 -28.90 -6.61
N ALA A 173 7.98 -28.33 -5.57
CA ALA A 173 7.44 -29.09 -4.46
C ALA A 173 6.02 -28.65 -4.20
N GLY A 174 5.12 -29.61 -4.01
CA GLY A 174 3.73 -29.31 -3.76
C GLY A 174 2.85 -30.47 -4.17
N TYR A 175 1.54 -30.22 -4.11
CA TYR A 175 0.54 -31.23 -4.43
C TYR A 175 -0.03 -30.96 -5.82
N GLU A 176 -0.12 -32.01 -6.64
CA GLU A 176 -0.74 -31.88 -7.94
C GLU A 176 -2.23 -31.59 -7.84
N GLU A 177 -2.85 -31.91 -6.70
CA GLU A 177 -4.25 -31.58 -6.46
C GLU A 177 -4.42 -30.27 -5.70
N GLY A 178 -3.34 -29.58 -5.38
CA GLY A 178 -3.45 -28.34 -4.64
C GLY A 178 -3.82 -28.58 -3.18
N GLY A 179 -4.52 -27.61 -2.59
CA GLY A 179 -4.97 -27.72 -1.22
C GLY A 179 -4.03 -27.09 -0.21
N ILE A 180 -2.79 -27.58 -0.14
CA ILE A 180 -1.80 -27.12 0.82
C ILE A 180 -0.70 -26.38 0.07
N ASP A 181 -0.43 -25.15 0.49
CA ASP A 181 0.64 -24.35 -0.09
C ASP A 181 1.05 -23.27 0.90
N SER A 182 2.33 -22.90 0.87
CA SER A 182 2.84 -21.85 1.74
C SER A 182 3.83 -20.95 1.04
N CYS A 183 4.05 -21.11 -0.27
CA CYS A 183 5.05 -20.31 -0.97
C CYS A 183 4.67 -18.84 -1.01
N GLN A 184 3.39 -18.53 -1.23
CA GLN A 184 2.94 -17.16 -1.31
C GLN A 184 2.96 -16.50 0.06
N GLY A 185 2.63 -15.22 0.10
CA GLY A 185 2.66 -14.46 1.32
C GLY A 185 4.07 -14.09 1.73
N ASP A 186 4.17 -13.56 2.95
CA ASP A 186 5.46 -13.17 3.52
C ASP A 186 6.07 -14.30 4.35
N ALA A 187 6.19 -15.48 3.75
CA ALA A 187 6.70 -16.64 4.47
C ALA A 187 8.23 -16.62 4.52
N GLY A 188 8.87 -16.71 3.36
CA GLY A 188 10.33 -16.67 3.29
C GLY A 188 11.01 -17.86 3.93
N GLY A 189 10.25 -18.91 4.25
CA GLY A 189 10.79 -20.09 4.89
C GLY A 189 11.48 -21.01 3.91
N PRO A 190 12.38 -21.85 4.40
CA PRO A 190 13.07 -22.82 3.53
C PRO A 190 12.37 -24.16 3.46
N LEU A 191 12.54 -24.82 2.32
CA LEU A 191 12.09 -26.19 2.12
C LEU A 191 13.11 -27.13 2.74
N MET A 192 12.68 -27.94 3.70
CA MET A 192 13.54 -28.82 4.47
C MET A 192 13.08 -30.26 4.34
N CYS A 193 14.03 -31.16 4.11
CA CYS A 193 13.76 -32.60 4.04
C CYS A 193 14.29 -33.28 5.30
N GLN A 194 14.11 -34.60 5.34
CA GLN A 194 14.50 -35.41 6.49
C GLN A 194 15.57 -36.40 6.07
N GLU A 195 16.64 -36.49 6.87
CA GLU A 195 17.78 -37.36 6.59
C GLU A 195 18.18 -38.13 7.84
N ASN A 196 17.19 -38.78 8.46
CA ASN A 196 17.39 -39.55 9.70
C ASN A 196 17.90 -38.64 10.82
N ASN A 197 17.01 -37.71 11.21
CA ASN A 197 17.22 -36.76 12.30
C ASN A 197 18.33 -35.76 11.97
N ARG A 198 18.61 -35.53 10.69
CA ARG A 198 19.57 -34.52 10.25
C ARG A 198 18.85 -33.59 9.29
N TRP A 199 18.66 -32.33 9.69
CA TRP A 199 17.84 -31.38 8.95
C TRP A 199 18.68 -30.76 7.84
N PHE A 200 18.70 -31.43 6.69
CA PHE A 200 19.41 -30.93 5.53
C PHE A 200 18.61 -29.84 4.82
N LEU A 201 19.32 -28.79 4.37
CA LEU A 201 18.67 -27.71 3.64
C LEU A 201 18.32 -28.16 2.23
N ALA A 202 17.08 -28.59 2.02
CA ALA A 202 16.65 -29.03 0.70
C ALA A 202 16.66 -27.87 -0.29
N GLY A 203 16.15 -26.70 0.12
CA GLY A 203 16.15 -25.57 -0.78
C GLY A 203 15.52 -24.36 -0.12
N VAL A 204 15.46 -23.28 -0.90
CA VAL A 204 14.87 -22.02 -0.46
C VAL A 204 13.63 -21.76 -1.31
N THR A 205 12.53 -21.43 -0.65
CA THR A 205 11.28 -21.17 -1.36
C THR A 205 11.40 -19.94 -2.24
N SER A 206 10.54 -19.87 -3.25
CA SER A 206 10.60 -18.82 -4.26
C SER A 206 9.18 -18.54 -4.73
N PHE A 207 9.06 -17.88 -5.88
CA PHE A 207 7.77 -17.47 -6.40
C PHE A 207 6.86 -18.67 -6.65
N GLY A 208 5.57 -18.46 -6.45
CA GLY A 208 4.57 -19.48 -6.73
C GLY A 208 3.48 -18.93 -7.62
N TYR A 209 2.98 -19.80 -8.51
CA TYR A 209 1.95 -19.37 -9.46
C TYR A 209 0.65 -19.02 -8.75
N LYS A 210 0.17 -19.92 -7.89
CA LYS A 210 -1.06 -19.69 -7.14
C LYS A 210 -1.11 -20.64 -5.96
N CYS A 211 -1.57 -20.14 -4.82
CA CYS A 211 -1.64 -20.95 -3.62
C CYS A 211 -2.74 -21.99 -3.74
N ALA A 212 -2.42 -23.23 -3.35
CA ALA A 212 -3.34 -24.37 -3.33
C ALA A 212 -3.96 -24.68 -4.69
N LEU A 213 -3.40 -24.14 -5.77
CA LEU A 213 -3.93 -24.43 -7.09
C LEU A 213 -3.45 -25.81 -7.54
N PRO A 214 -4.35 -26.70 -7.97
CA PRO A 214 -3.93 -28.02 -8.42
C PRO A 214 -2.97 -27.94 -9.61
N ASN A 215 -2.01 -28.87 -9.64
CA ASN A 215 -1.00 -28.97 -10.68
C ASN A 215 -0.13 -27.71 -10.78
N ARG A 216 -0.04 -26.94 -9.69
CA ARG A 216 0.81 -25.76 -9.62
C ARG A 216 1.62 -25.79 -8.32
N PRO A 217 2.59 -26.69 -8.21
CA PRO A 217 3.41 -26.74 -7.00
C PRO A 217 4.34 -25.54 -6.91
N GLY A 218 4.70 -25.19 -5.67
CA GLY A 218 5.64 -24.12 -5.43
C GLY A 218 7.01 -24.44 -6.00
N VAL A 219 7.52 -23.55 -6.85
CA VAL A 219 8.81 -23.78 -7.52
C VAL A 219 9.88 -23.13 -6.63
N TYR A 220 10.44 -23.92 -5.74
CA TYR A 220 11.43 -23.43 -4.79
C TYR A 220 12.83 -23.54 -5.38
N ALA A 221 13.73 -22.68 -4.92
CA ALA A 221 15.08 -22.62 -5.45
C ALA A 221 15.89 -23.81 -4.94
N ARG A 222 16.44 -24.59 -5.87
CA ARG A 222 17.31 -25.71 -5.49
C ARG A 222 18.65 -25.19 -5.02
N VAL A 223 19.13 -25.73 -3.91
CA VAL A 223 20.40 -25.30 -3.31
C VAL A 223 21.45 -26.39 -3.32
N SER A 224 21.15 -27.56 -3.90
CA SER A 224 22.14 -28.63 -3.94
C SER A 224 23.34 -28.24 -4.80
N ARG A 225 23.09 -27.60 -5.94
CA ARG A 225 24.17 -27.14 -6.80
C ARG A 225 24.87 -25.90 -6.27
N PHE A 226 24.25 -25.18 -5.33
CA PHE A 226 24.81 -23.97 -4.76
C PHE A 226 25.45 -24.20 -3.40
N THR A 227 25.63 -25.46 -2.99
CA THR A 227 26.27 -25.75 -1.71
C THR A 227 27.71 -25.26 -1.69
N GLU A 228 28.44 -25.46 -2.79
CA GLU A 228 29.83 -25.02 -2.85
C GLU A 228 29.93 -23.50 -2.75
N TRP A 229 29.01 -22.78 -3.40
CA TRP A 229 29.04 -21.32 -3.34
C TRP A 229 28.82 -20.83 -1.91
N ILE A 230 27.91 -21.46 -1.17
CA ILE A 230 27.67 -21.06 0.22
C ILE A 230 28.89 -21.41 1.08
N GLN A 231 29.43 -22.62 0.91
CA GLN A 231 30.57 -23.04 1.71
C GLN A 231 31.80 -22.19 1.43
N SER A 232 31.89 -21.60 0.23
CA SER A 232 33.00 -20.72 -0.07
C SER A 232 33.03 -19.51 0.87
N PHE A 233 31.86 -18.93 1.12
CA PHE A 233 31.79 -17.82 2.07
C PHE A 233 31.86 -18.34 3.51
N LEU A 234 31.27 -19.49 3.78
CA LEU A 234 31.28 -20.04 5.14
C LEU A 234 32.70 -20.39 5.58
N HIS A 235 33.48 -21.01 4.69
CA HIS A 235 34.83 -21.44 5.03
C HIS A 235 35.87 -20.41 4.60
N ALA B 1 -5.31 -17.52 -13.88
CA ALA B 1 -5.18 -16.18 -13.33
C ALA B 1 -4.22 -16.15 -12.15
N PRO B 2 -2.92 -16.02 -12.45
CA PRO B 2 -1.93 -15.98 -11.37
C PRO B 2 -2.08 -14.73 -10.52
N PHE B 3 -1.74 -14.87 -9.24
CA PHE B 3 -1.82 -13.76 -8.30
C PHE B 3 -0.67 -12.78 -8.54
N ASP B 4 -0.92 -11.51 -8.19
CA ASP B 4 0.08 -10.48 -8.38
C ASP B 4 1.31 -10.72 -7.51
N ASP B 5 1.09 -11.11 -6.24
CA ASP B 5 2.19 -11.36 -5.31
C ASP B 5 2.61 -12.82 -5.39
N ASP B 6 3.23 -13.17 -6.52
CA ASP B 6 3.71 -14.54 -6.72
C ASP B 6 4.83 -14.88 -5.73
N ASP B 7 5.74 -13.95 -5.50
CA ASP B 7 6.86 -14.14 -4.60
C ASP B 7 6.57 -13.43 -3.27
N LYS B 8 7.56 -13.44 -2.37
CA LYS B 8 7.43 -12.77 -1.08
C LYS B 8 7.62 -11.27 -1.27
N ILE B 9 6.64 -10.66 -1.94
CA ILE B 9 6.67 -9.24 -2.26
C ILE B 9 5.40 -8.59 -1.71
N VAL B 10 5.58 -7.50 -0.97
CA VAL B 10 4.46 -6.75 -0.42
C VAL B 10 4.13 -5.52 -1.26
N GLY B 11 4.69 -5.43 -2.46
CA GLY B 11 4.47 -4.27 -3.32
C GLY B 11 5.37 -3.10 -3.04
N GLY B 12 6.32 -3.21 -2.10
CA GLY B 12 7.19 -2.11 -1.77
C GLY B 12 6.64 -1.12 -0.78
N TYR B 13 5.50 -1.42 -0.15
CA TYR B 13 4.87 -0.52 0.81
C TYR B 13 4.49 -1.29 2.06
N ASN B 14 4.41 -0.58 3.18
CA ASN B 14 4.03 -1.16 4.45
C ASN B 14 2.54 -1.49 4.43
N CYS B 15 2.20 -2.74 4.12
CA CYS B 15 0.82 -3.14 4.04
C CYS B 15 0.17 -3.11 5.42
N GLU B 16 -1.07 -2.63 5.47
CA GLU B 16 -1.92 -2.54 6.66
C GLU B 16 -1.38 -1.58 7.71
N GLU B 17 -0.27 -0.88 7.44
CA GLU B 17 0.32 0.09 8.37
C GLU B 17 0.56 -0.54 9.74
N ASN B 18 1.43 -1.54 9.75
CA ASN B 18 1.76 -2.22 11.01
C ASN B 18 2.50 -1.27 11.94
N SER B 19 2.10 -1.30 13.22
CA SER B 19 2.69 -0.44 14.26
C SER B 19 2.61 1.04 13.89
N VAL B 20 1.47 1.43 13.31
CA VAL B 20 1.22 2.81 12.93
C VAL B 20 0.00 3.30 13.69
N PRO B 21 0.20 4.00 14.82
CA PRO B 21 -0.94 4.44 15.63
C PRO B 21 -1.53 5.77 15.20
N TYR B 22 -0.75 6.57 14.46
CA TYR B 22 -1.19 7.91 14.09
C TYR B 22 -2.18 7.94 12.94
N GLN B 23 -2.42 6.80 12.28
CA GLN B 23 -3.36 6.73 11.17
C GLN B 23 -4.73 6.33 11.67
N VAL B 24 -5.74 7.15 11.35
CA VAL B 24 -7.12 6.83 11.67
C VAL B 24 -7.97 7.08 10.42
N SER B 25 -9.14 6.45 10.39
CA SER B 25 -10.04 6.55 9.24
C SER B 25 -11.37 7.16 9.68
N LEU B 26 -12.06 7.78 8.72
CA LEU B 26 -13.38 8.35 8.94
C LEU B 26 -14.40 7.53 8.17
N ASN B 27 -15.39 7.01 8.89
CA ASN B 27 -16.42 6.14 8.32
C ASN B 27 -17.80 6.68 8.68
N SER B 28 -18.67 6.67 7.68
CA SER B 28 -20.10 6.97 7.85
C SER B 28 -20.92 5.99 7.05
N GLY B 29 -20.57 4.70 7.14
CA GLY B 29 -21.08 3.67 6.27
C GLY B 29 -20.12 3.25 5.18
N TYR B 30 -19.08 4.04 4.93
CA TYR B 30 -18.05 3.71 3.95
C TYR B 30 -16.80 4.52 4.27
N HIS B 31 -15.68 4.07 3.72
CA HIS B 31 -14.41 4.76 3.92
C HIS B 31 -14.27 5.88 2.90
N PHE B 32 -14.07 7.11 3.38
CA PHE B 32 -13.97 8.25 2.48
C PHE B 32 -12.71 9.08 2.74
N CYS B 33 -12.29 9.19 4.00
CA CYS B 33 -11.18 10.06 4.35
C CYS B 33 -10.35 9.44 5.47
N GLY B 34 -9.10 9.90 5.57
CA GLY B 34 -8.22 9.55 6.66
C GLY B 34 -7.88 10.75 7.52
N GLY B 35 -7.08 10.49 8.54
CA GLY B 35 -6.70 11.55 9.46
C GLY B 35 -5.62 11.09 10.42
N SER B 36 -5.10 12.08 11.16
CA SER B 36 -4.02 11.85 12.12
C SER B 36 -4.49 12.28 13.51
N LEU B 37 -4.35 11.39 14.48
CA LEU B 37 -4.74 11.67 15.86
C LEU B 37 -3.60 12.42 16.54
N ILE B 38 -3.84 13.68 16.92
CA ILE B 38 -2.78 14.52 17.47
C ILE B 38 -2.89 14.58 18.99
N ASN B 39 -4.10 14.45 19.51
CA ASN B 39 -4.34 14.55 20.95
C ASN B 39 -5.26 13.40 21.34
N GLU B 40 -5.67 13.39 22.62
CA GLU B 40 -6.58 12.35 23.09
C GLU B 40 -7.94 12.44 22.40
N GLN B 41 -8.36 13.65 22.01
CA GLN B 41 -9.65 13.85 21.38
C GLN B 41 -9.58 14.82 20.20
N TRP B 42 -8.46 14.84 19.48
CA TRP B 42 -8.30 15.74 18.34
C TRP B 42 -7.70 15.01 17.16
N VAL B 43 -8.37 15.11 16.01
CA VAL B 43 -7.93 14.48 14.77
C VAL B 43 -7.83 15.56 13.70
N VAL B 44 -6.68 15.62 13.03
CA VAL B 44 -6.49 16.52 11.90
C VAL B 44 -6.81 15.75 10.63
N SER B 45 -7.67 16.32 9.80
CA SER B 45 -8.08 15.67 8.56
C SER B 45 -8.29 16.73 7.48
N ALA B 46 -8.62 16.28 6.28
CA ALA B 46 -8.91 17.19 5.19
C ALA B 46 -10.21 17.94 5.47
N GLY B 47 -10.22 19.24 5.18
CA GLY B 47 -11.35 20.08 5.52
C GLY B 47 -12.58 19.88 4.65
N HIS B 48 -12.47 19.14 3.55
CA HIS B 48 -13.61 18.91 2.67
C HIS B 48 -14.33 17.60 2.98
N CYS B 49 -13.96 16.92 4.05
CA CYS B 49 -14.58 15.65 4.44
C CYS B 49 -15.75 15.84 5.41
N TYR B 50 -16.13 17.08 5.71
CA TYR B 50 -17.19 17.32 6.67
C TYR B 50 -18.53 16.82 6.15
N LYS B 51 -19.33 16.28 7.06
CA LYS B 51 -20.68 15.82 6.75
C LYS B 51 -21.51 15.88 8.03
N SER B 52 -22.73 15.33 7.95
CA SER B 52 -23.65 15.41 9.09
C SER B 52 -23.13 14.59 10.28
N ARG B 53 -22.76 13.34 10.04
CA ARG B 53 -22.27 12.46 11.10
C ARG B 53 -20.99 11.77 10.65
N ILE B 54 -20.01 11.73 11.56
CA ILE B 54 -18.71 11.14 11.28
C ILE B 54 -18.36 10.17 12.40
N GLN B 55 -17.88 8.99 12.02
CA GLN B 55 -17.34 8.01 12.95
C GLN B 55 -15.84 7.89 12.72
N VAL B 56 -15.09 7.73 13.81
CA VAL B 56 -13.63 7.66 13.73
C VAL B 56 -13.20 6.25 14.12
N ARG B 57 -12.45 5.61 13.23
CA ARG B 57 -11.88 4.29 13.48
C ARG B 57 -10.38 4.45 13.72
N LEU B 58 -9.93 4.02 14.89
CA LEU B 58 -8.54 4.15 15.31
C LEU B 58 -7.88 2.79 15.30
N GLY B 59 -6.68 2.72 14.73
CA GLY B 59 -5.96 1.45 14.66
C GLY B 59 -6.63 0.40 13.82
N GLU B 60 -7.28 0.80 12.72
CA GLU B 60 -7.96 -0.15 11.84
C GLU B 60 -6.93 -0.86 10.98
N HIS B 61 -6.62 -2.11 11.32
CA HIS B 61 -5.62 -2.86 10.58
C HIS B 61 -6.04 -3.10 9.14
N ASN B 62 -7.30 -3.45 8.93
CA ASN B 62 -7.84 -3.65 7.59
C ASN B 62 -9.20 -2.99 7.50
N ILE B 63 -9.47 -2.33 6.37
CA ILE B 63 -10.73 -1.62 6.20
C ILE B 63 -11.89 -2.61 6.07
N GLU B 64 -11.69 -3.71 5.36
CA GLU B 64 -12.76 -4.68 5.13
C GLU B 64 -12.74 -5.82 6.13
N VAL B 65 -11.64 -6.05 6.83
CA VAL B 65 -11.51 -7.13 7.80
C VAL B 65 -11.32 -6.52 9.17
N LEU B 66 -12.17 -6.91 10.12
CA LEU B 66 -12.11 -6.41 11.49
C LEU B 66 -11.21 -7.34 12.30
N GLU B 67 -10.00 -6.85 12.62
CA GLU B 67 -9.05 -7.65 13.40
C GLU B 67 -9.30 -7.56 14.90
N GLY B 68 -10.19 -6.66 15.34
CA GLY B 68 -10.48 -6.51 16.75
C GLY B 68 -9.61 -5.52 17.48
N ASN B 69 -8.57 -4.99 16.83
CA ASN B 69 -7.68 -4.03 17.46
C ASN B 69 -8.08 -2.58 17.16
N GLU B 70 -9.14 -2.36 16.40
CA GLU B 70 -9.60 -1.03 16.08
C GLU B 70 -10.63 -0.56 17.10
N GLN B 71 -10.76 0.76 17.22
CA GLN B 71 -11.69 1.38 18.14
C GLN B 71 -12.60 2.34 17.38
N PHE B 72 -13.88 2.34 17.72
CA PHE B 72 -14.88 3.18 17.07
C PHE B 72 -15.31 4.27 18.04
N ILE B 73 -15.21 5.53 17.58
CA ILE B 73 -15.54 6.69 18.39
C ILE B 73 -16.52 7.57 17.61
N ASN B 74 -17.59 8.00 18.27
CA ASN B 74 -18.53 8.92 17.66
C ASN B 74 -17.99 10.35 17.76
N ALA B 75 -17.80 10.99 16.61
CA ALA B 75 -17.28 12.35 16.60
C ALA B 75 -18.28 13.32 17.21
N ALA B 76 -17.75 14.35 17.87
CA ALA B 76 -18.58 15.34 18.56
C ALA B 76 -18.75 16.61 17.73
N LYS B 77 -17.64 17.25 17.35
CA LYS B 77 -17.70 18.51 16.63
C LYS B 77 -16.57 18.58 15.62
N ILE B 78 -16.88 19.07 14.41
CA ILE B 78 -15.90 19.24 13.35
C ILE B 78 -15.79 20.73 13.05
N ILE B 79 -14.57 21.26 13.09
CA ILE B 79 -14.30 22.68 12.88
C ILE B 79 -13.40 22.81 11.66
N ARG B 80 -13.82 23.63 10.71
CA ARG B 80 -13.02 23.94 9.53
C ARG B 80 -12.29 25.26 9.72
N HIS B 81 -11.27 25.46 8.89
CA HIS B 81 -10.48 26.68 8.98
C HIS B 81 -11.34 27.89 8.60
N PRO B 82 -11.23 29.00 9.32
CA PRO B 82 -12.05 30.17 8.99
C PRO B 82 -11.76 30.75 7.62
N GLN B 83 -10.58 30.52 7.06
CA GLN B 83 -10.22 31.01 5.74
C GLN B 83 -10.27 29.93 4.68
N TYR B 84 -11.02 28.85 4.94
CA TYR B 84 -11.13 27.76 3.98
C TYR B 84 -11.89 28.22 2.74
N ASP B 85 -11.35 27.88 1.57
CA ASP B 85 -11.95 28.22 0.29
C ASP B 85 -12.43 26.94 -0.40
N ARG B 86 -13.68 26.93 -0.83
CA ARG B 86 -14.22 25.75 -1.51
C ARG B 86 -13.75 25.62 -2.94
N LYS B 87 -13.58 26.75 -3.65
CA LYS B 87 -13.25 26.70 -5.06
C LYS B 87 -11.85 26.12 -5.30
N THR B 88 -10.85 26.64 -4.59
CA THR B 88 -9.47 26.21 -4.78
C THR B 88 -8.99 25.25 -3.71
N LEU B 89 -9.84 24.89 -2.75
CA LEU B 89 -9.48 24.00 -1.64
C LEU B 89 -8.27 24.54 -0.87
N ASN B 90 -8.18 25.86 -0.74
CA ASN B 90 -7.13 26.47 0.06
C ASN B 90 -7.44 26.27 1.54
N ASN B 91 -6.39 26.07 2.34
CA ASN B 91 -6.52 25.79 3.77
C ASN B 91 -7.43 24.60 4.02
N ASP B 92 -7.22 23.53 3.26
CA ASP B 92 -8.08 22.34 3.30
C ASP B 92 -7.66 21.47 4.50
N ILE B 93 -7.94 22.00 5.69
CA ILE B 93 -7.63 21.32 6.94
C ILE B 93 -8.80 21.53 7.92
N MET B 94 -9.14 20.47 8.65
CA MET B 94 -10.20 20.54 9.64
C MET B 94 -9.81 19.69 10.85
N LEU B 95 -10.43 20.02 11.98
CA LEU B 95 -10.17 19.36 13.25
C LEU B 95 -11.45 18.70 13.75
N ILE B 96 -11.36 17.42 14.12
CA ILE B 96 -12.49 16.65 14.62
C ILE B 96 -12.23 16.35 16.09
N LYS B 97 -13.24 16.60 16.92
CA LYS B 97 -13.15 16.35 18.36
C LYS B 97 -13.83 15.02 18.69
N LEU B 98 -13.14 14.19 19.45
CA LEU B 98 -13.67 12.88 19.85
C LEU B 98 -14.49 13.03 21.12
N SER B 99 -15.65 12.39 21.15
CA SER B 99 -16.51 12.44 22.33
C SER B 99 -15.89 11.70 23.52
N SER B 100 -14.97 10.78 23.27
CA SER B 100 -14.31 10.02 24.33
C SER B 100 -12.81 10.04 24.11
N ARG B 101 -12.06 9.97 25.21
CA ARG B 101 -10.61 10.00 25.13
C ARG B 101 -10.09 8.72 24.48
N ALA B 102 -9.06 8.88 23.63
CA ALA B 102 -8.47 7.74 22.96
C ALA B 102 -7.73 6.85 23.95
N VAL B 103 -7.78 5.54 23.72
CA VAL B 103 -7.11 4.56 24.56
C VAL B 103 -5.76 4.24 23.93
N ILE B 104 -4.69 4.44 24.68
CA ILE B 104 -3.34 4.20 24.18
C ILE B 104 -3.05 2.71 24.19
N ASN B 105 -2.64 2.19 23.05
CA ASN B 105 -2.28 0.77 22.93
C ASN B 105 -1.19 0.66 21.88
N ALA B 106 -0.95 -0.57 21.40
CA ALA B 106 0.12 -0.79 20.43
C ALA B 106 -0.14 -0.08 19.12
N ARG B 107 -1.38 -0.12 18.63
CA ARG B 107 -1.73 0.45 17.34
C ARG B 107 -2.60 1.71 17.46
N VAL B 108 -2.80 2.23 18.66
CA VAL B 108 -3.53 3.48 18.86
C VAL B 108 -2.72 4.34 19.83
N SER B 109 -2.37 5.55 19.40
CA SER B 109 -1.61 6.48 20.22
C SER B 109 -1.73 7.87 19.60
N THR B 110 -1.11 8.84 20.26
CA THR B 110 -1.13 10.23 19.82
C THR B 110 0.27 10.64 19.36
N ILE B 111 0.31 11.42 18.27
CA ILE B 111 1.56 11.89 17.70
C ILE B 111 1.79 13.33 18.15
N SER B 112 3.03 13.66 18.47
CA SER B 112 3.36 14.98 18.99
C SER B 112 3.11 16.07 17.96
N LEU B 113 2.73 17.24 18.44
CA LEU B 113 2.50 18.38 17.57
C LEU B 113 3.80 18.80 16.91
N PRO B 114 3.78 19.11 15.61
CA PRO B 114 5.02 19.52 14.93
C PRO B 114 5.56 20.84 15.47
N THR B 115 6.89 20.96 15.43
CA THR B 115 7.57 22.18 15.86
C THR B 115 8.42 22.81 14.77
N ALA B 116 8.64 22.13 13.64
CA ALA B 116 9.46 22.67 12.57
C ALA B 116 8.76 22.50 11.23
N PRO B 117 8.93 23.46 10.32
CA PRO B 117 8.31 23.34 8.99
C PRO B 117 8.99 22.26 8.17
N PRO B 118 8.29 21.71 7.17
CA PRO B 118 8.92 20.69 6.32
C PRO B 118 10.03 21.29 5.47
N ALA B 119 10.99 20.43 5.10
CA ALA B 119 12.14 20.84 4.32
C ALA B 119 12.27 19.95 3.09
N THR B 120 12.90 20.50 2.06
CA THR B 120 13.11 19.76 0.82
C THR B 120 14.06 18.60 1.05
N GLY B 121 13.70 17.43 0.49
CA GLY B 121 14.51 16.24 0.62
C GLY B 121 14.33 15.50 1.93
N THR B 122 13.44 15.94 2.81
CA THR B 122 13.23 15.27 4.08
C THR B 122 12.56 13.92 3.86
N LYS B 123 13.08 12.89 4.52
CA LYS B 123 12.47 11.56 4.47
C LYS B 123 11.10 11.60 5.12
N CYS B 124 10.06 11.50 4.32
CA CYS B 124 8.69 11.65 4.79
C CYS B 124 7.86 10.45 4.35
N LEU B 125 6.84 10.13 5.15
CA LEU B 125 5.96 8.99 4.91
C LEU B 125 4.54 9.47 4.74
N ILE B 126 3.88 8.99 3.68
CA ILE B 126 2.47 9.26 3.40
C ILE B 126 1.71 7.99 3.71
N SER B 127 0.75 8.08 4.64
CA SER B 127 -0.02 6.92 5.08
C SER B 127 -1.44 7.03 4.56
N GLY B 128 -1.96 5.94 4.01
CA GLY B 128 -3.34 5.94 3.59
C GLY B 128 -3.64 4.80 2.63
N TRP B 129 -4.94 4.62 2.38
CA TRP B 129 -5.43 3.58 1.49
C TRP B 129 -5.23 4.02 0.04
N GLY B 130 -3.96 4.04 -0.37
CA GLY B 130 -3.63 4.41 -1.73
C GLY B 130 -4.00 3.34 -2.73
N ASN B 131 -4.09 3.75 -3.99
CA ASN B 131 -4.48 2.84 -5.07
C ASN B 131 -3.33 1.89 -5.41
N THR B 132 -3.25 0.75 -4.72
CA THR B 132 -2.22 -0.24 -4.94
C THR B 132 -2.83 -1.40 -5.72
N ALA B 133 -2.63 -1.40 -7.03
CA ALA B 133 -3.16 -2.46 -7.89
C ALA B 133 -2.33 -2.52 -9.16
N SER B 134 -2.43 -3.66 -9.86
CA SER B 134 -1.70 -3.83 -11.10
C SER B 134 -2.16 -2.83 -12.15
N SER B 135 -3.46 -2.60 -12.25
CA SER B 135 -4.02 -1.66 -13.21
C SER B 135 -5.31 -1.08 -12.66
N GLY B 136 -5.59 0.17 -13.04
CA GLY B 136 -6.78 0.84 -12.61
C GLY B 136 -6.62 1.55 -11.27
N ALA B 137 -7.61 2.37 -10.95
CA ALA B 137 -7.64 3.13 -9.70
C ALA B 137 -8.80 2.61 -8.85
N ASP B 138 -8.46 1.96 -7.73
CA ASP B 138 -9.46 1.42 -6.83
C ASP B 138 -8.87 1.33 -5.44
N TYR B 139 -9.71 1.48 -4.43
CA TYR B 139 -9.27 1.40 -3.05
C TYR B 139 -9.17 -0.06 -2.63
N PRO B 140 -7.99 -0.55 -2.25
CA PRO B 140 -7.86 -1.96 -1.83
C PRO B 140 -8.16 -2.15 -0.36
N ASP B 141 -8.13 -3.40 0.09
CA ASP B 141 -8.34 -3.72 1.51
C ASP B 141 -7.10 -3.46 2.36
N GLU B 142 -5.94 -3.26 1.75
CA GLU B 142 -4.71 -3.03 2.48
C GLU B 142 -4.44 -1.53 2.61
N LEU B 143 -3.32 -1.18 3.24
CA LEU B 143 -2.93 0.20 3.46
C LEU B 143 -1.54 0.42 2.91
N GLN B 144 -1.28 1.66 2.48
CA GLN B 144 -0.02 2.00 1.83
C GLN B 144 0.71 3.07 2.63
N CYS B 145 2.00 2.85 2.84
CA CYS B 145 2.90 3.83 3.48
C CYS B 145 4.02 4.13 2.48
N LEU B 146 3.86 5.23 1.75
CA LEU B 146 4.81 5.61 0.71
C LEU B 146 5.91 6.50 1.27
N ASP B 147 7.15 6.16 0.95
CA ASP B 147 8.32 6.95 1.36
C ASP B 147 8.67 7.88 0.19
N ALA B 148 8.31 9.15 0.33
CA ALA B 148 8.54 10.13 -0.72
C ALA B 148 9.14 11.39 -0.12
N PRO B 149 10.20 11.95 -0.72
CA PRO B 149 10.76 13.20 -0.21
C PRO B 149 9.85 14.38 -0.49
N VAL B 150 10.00 15.41 0.33
CA VAL B 150 9.21 16.63 0.18
C VAL B 150 9.82 17.50 -0.90
N LEU B 151 9.00 17.91 -1.87
CA LEU B 151 9.47 18.75 -2.96
C LEU B 151 9.65 20.19 -2.50
N SER B 152 10.38 20.96 -3.32
CA SER B 152 10.63 22.36 -3.02
C SER B 152 9.36 23.19 -3.18
N GLN B 153 9.34 24.33 -2.50
CA GLN B 153 8.20 25.24 -2.60
C GLN B 153 8.05 25.78 -4.01
N ALA B 154 9.16 26.14 -4.66
CA ALA B 154 9.10 26.63 -6.03
C ALA B 154 8.58 25.56 -6.97
N LYS B 155 9.05 24.32 -6.81
CA LYS B 155 8.55 23.22 -7.63
C LYS B 155 7.07 22.97 -7.36
N CYS B 156 6.65 23.06 -6.10
CA CYS B 156 5.25 22.87 -5.76
C CYS B 156 4.38 23.93 -6.42
N GLU B 157 4.82 25.19 -6.40
CA GLU B 157 4.08 26.25 -7.07
C GLU B 157 4.05 26.04 -8.58
N ALA B 158 5.16 25.60 -9.16
CA ALA B 158 5.21 25.36 -10.60
C ALA B 158 4.30 24.20 -11.00
N SER B 159 4.13 23.21 -10.12
CA SER B 159 3.26 22.09 -10.44
C SER B 159 1.81 22.54 -10.60
N TYR B 160 1.36 23.47 -9.75
CA TYR B 160 0.01 24.01 -9.80
C TYR B 160 0.10 25.52 -9.92
N PRO B 161 0.23 26.04 -11.14
CA PRO B 161 0.31 27.50 -11.31
C PRO B 161 -0.96 28.19 -10.85
N GLY B 162 -0.84 29.02 -9.82
CA GLY B 162 -1.96 29.73 -9.27
C GLY B 162 -2.83 28.95 -8.31
N LYS B 163 -2.46 27.72 -7.98
CA LYS B 163 -3.24 26.87 -7.07
C LYS B 163 -2.45 26.46 -5.83
N ILE B 164 -1.28 27.05 -5.61
CA ILE B 164 -0.45 26.74 -4.45
C ILE B 164 -0.19 28.02 -3.67
N THR B 165 -0.41 27.97 -2.36
CA THR B 165 -0.18 29.10 -1.47
C THR B 165 0.92 28.74 -0.47
N SER B 166 1.13 29.62 0.50
CA SER B 166 2.15 29.40 1.51
C SER B 166 1.83 28.25 2.45
N ASN B 167 0.58 27.76 2.45
CA ASN B 167 0.17 26.65 3.30
C ASN B 167 0.12 25.32 2.56
N MET B 168 0.65 25.25 1.34
CA MET B 168 0.64 24.05 0.54
C MET B 168 2.06 23.63 0.23
N PHE B 169 2.36 22.35 0.41
CA PHE B 169 3.65 21.77 0.09
C PHE B 169 3.44 20.46 -0.65
N CYS B 170 4.38 20.14 -1.53
CA CYS B 170 4.29 18.97 -2.41
C CYS B 170 5.24 17.89 -1.93
N VAL B 171 4.73 16.67 -1.83
CA VAL B 171 5.55 15.50 -1.55
C VAL B 171 5.59 14.55 -2.74
N GLY B 172 4.47 14.39 -3.44
CA GLY B 172 4.47 13.60 -4.65
C GLY B 172 5.31 14.24 -5.75
N PHE B 173 5.92 13.38 -6.56
CA PHE B 173 6.84 13.84 -7.60
C PHE B 173 6.56 13.09 -8.89
N LEU B 174 6.93 13.72 -10.00
CA LEU B 174 6.86 13.12 -11.35
C LEU B 174 5.40 12.79 -11.63
N GLU B 175 5.09 11.66 -12.25
CA GLU B 175 3.72 11.34 -12.63
C GLU B 175 3.55 9.83 -12.70
N GLY B 176 2.29 9.39 -12.72
CA GLY B 176 1.98 7.99 -12.82
C GLY B 176 0.74 7.59 -12.06
N GLY B 177 -0.13 6.80 -12.69
CA GLY B 177 -1.37 6.36 -12.09
C GLY B 177 -1.31 5.06 -11.32
N LYS B 178 -0.14 4.46 -11.17
CA LYS B 178 0.01 3.21 -10.45
C LYS B 178 0.16 3.50 -8.95
N ASP B 179 0.59 2.50 -8.19
CA ASP B 179 0.74 2.61 -6.75
C ASP B 179 1.55 3.83 -6.36
N SER B 180 0.92 4.74 -5.63
CA SER B 180 1.54 5.98 -5.19
C SER B 180 0.75 6.53 -4.01
N CYS B 181 1.01 7.79 -3.65
CA CYS B 181 0.26 8.42 -2.56
C CYS B 181 -1.22 8.53 -2.92
N GLN B 182 -1.52 8.89 -4.15
CA GLN B 182 -2.89 8.94 -4.70
C GLN B 182 -3.68 9.96 -3.88
N GLY B 183 -4.92 9.65 -3.50
CA GLY B 183 -5.78 10.59 -2.81
C GLY B 183 -6.05 10.24 -1.37
N ASP B 184 -7.20 9.60 -1.13
CA ASP B 184 -7.70 9.19 0.19
C ASP B 184 -8.21 10.39 0.97
N SER B 185 -8.00 11.60 0.44
CA SER B 185 -8.60 12.82 0.95
C SER B 185 -8.31 13.02 2.44
N GLY B 186 -7.04 13.21 2.74
CA GLY B 186 -6.64 13.49 4.10
C GLY B 186 -5.63 12.51 4.68
N GLY B 187 -4.87 11.85 3.80
CA GLY B 187 -3.85 10.93 4.23
C GLY B 187 -2.77 11.64 5.03
N PRO B 188 -2.45 11.10 6.21
CA PRO B 188 -1.40 11.71 7.03
C PRO B 188 -0.06 11.73 6.31
N VAL B 189 0.68 12.81 6.54
CA VAL B 189 2.00 13.04 5.94
C VAL B 189 2.92 13.38 7.10
N VAL B 190 3.76 12.43 7.49
CA VAL B 190 4.59 12.55 8.69
C VAL B 190 6.05 12.50 8.25
N CYS B 191 6.79 13.57 8.53
CA CYS B 191 8.21 13.63 8.20
C CYS B 191 9.03 13.69 9.48
N ASN B 192 10.11 12.89 9.53
CA ASN B 192 11.01 12.84 10.68
C ASN B 192 10.27 12.48 11.97
N GLY B 193 9.26 11.62 11.85
CA GLY B 193 8.52 11.16 13.00
C GLY B 193 7.49 12.11 13.56
N GLN B 194 7.32 13.28 12.94
CA GLN B 194 6.35 14.28 13.38
C GLN B 194 5.39 14.58 12.25
N LEU B 195 4.10 14.71 12.58
CA LEU B 195 3.09 15.00 11.58
C LEU B 195 3.39 16.34 10.91
N GLN B 196 3.34 16.35 9.58
CA GLN B 196 3.66 17.54 8.82
C GLN B 196 2.53 18.02 7.91
N GLY B 197 1.60 17.16 7.51
CA GLY B 197 0.53 17.63 6.67
C GLY B 197 -0.50 16.55 6.38
N VAL B 198 -1.45 16.92 5.53
CA VAL B 198 -2.51 16.02 5.08
C VAL B 198 -2.63 16.13 3.57
N VAL B 199 -3.26 15.13 2.96
CA VAL B 199 -3.50 15.12 1.52
C VAL B 199 -4.80 15.87 1.26
N SER B 200 -4.71 16.96 0.48
CA SER B 200 -5.86 17.81 0.23
C SER B 200 -6.56 17.49 -1.09
N TRP B 201 -5.83 17.56 -2.19
CA TRP B 201 -6.40 17.34 -3.51
C TRP B 201 -5.26 17.10 -4.50
N GLY B 202 -5.59 17.07 -5.78
CA GLY B 202 -4.60 16.87 -6.82
C GLY B 202 -5.25 16.71 -8.17
N ASP B 203 -4.41 16.45 -9.16
CA ASP B 203 -4.86 16.24 -10.53
C ASP B 203 -5.43 14.82 -10.65
N GLY B 204 -6.61 14.64 -10.03
CA GLY B 204 -7.24 13.34 -10.03
C GLY B 204 -6.44 12.34 -9.21
N CYS B 205 -6.59 11.07 -9.58
CA CYS B 205 -5.84 10.00 -8.92
C CYS B 205 -4.47 9.85 -9.58
N ALA B 206 -3.70 10.93 -9.62
CA ALA B 206 -2.37 10.96 -10.21
C ALA B 206 -2.40 10.44 -11.65
N GLN B 207 -3.38 10.92 -12.42
CA GLN B 207 -3.51 10.49 -13.81
C GLN B 207 -2.28 10.86 -14.62
N LYS B 208 -1.87 12.13 -14.55
CA LYS B 208 -0.69 12.58 -15.27
C LYS B 208 -0.19 13.88 -14.64
N ASN B 209 1.07 14.21 -14.93
CA ASN B 209 1.71 15.45 -14.51
C ASN B 209 1.69 15.53 -12.98
N LYS B 210 1.07 16.54 -12.38
CA LYS B 210 1.19 16.75 -10.95
C LYS B 210 0.47 15.64 -10.18
N PRO B 211 1.15 14.97 -9.23
CA PRO B 211 0.50 13.90 -8.47
C PRO B 211 -0.63 14.37 -7.57
N GLY B 212 -0.35 15.34 -6.70
CA GLY B 212 -1.35 15.76 -5.73
C GLY B 212 -0.87 16.96 -4.94
N VAL B 213 -1.71 17.37 -3.99
CA VAL B 213 -1.47 18.55 -3.16
C VAL B 213 -1.56 18.14 -1.69
N TYR B 214 -0.66 18.68 -0.88
CA TYR B 214 -0.64 18.43 0.55
C TYR B 214 -0.72 19.75 1.30
N THR B 215 -1.62 19.81 2.28
CA THR B 215 -1.80 20.99 3.11
C THR B 215 -1.00 20.84 4.40
N LYS B 216 -0.24 21.88 4.74
CA LYS B 216 0.61 21.86 5.93
C LYS B 216 -0.23 21.94 7.20
N VAL B 217 0.41 21.62 8.32
CA VAL B 217 -0.18 21.81 9.64
C VAL B 217 0.66 22.71 10.54
N TYR B 218 1.92 22.98 10.17
CA TYR B 218 2.76 23.86 10.98
C TYR B 218 2.21 25.29 11.00
N ASN B 219 1.71 25.77 9.87
CA ASN B 219 1.17 27.12 9.81
C ASN B 219 -0.11 27.26 10.64
N TYR B 220 -0.77 26.15 10.97
CA TYR B 220 -2.01 26.17 11.74
C TYR B 220 -1.80 25.73 13.18
N VAL B 221 -0.55 25.70 13.65
CA VAL B 221 -0.26 25.25 15.01
C VAL B 221 -0.96 26.16 16.02
N LYS B 222 -0.85 27.48 15.82
CA LYS B 222 -1.55 28.41 16.69
C LYS B 222 -3.06 28.23 16.58
N TRP B 223 -3.57 28.06 15.36
CA TRP B 223 -4.99 27.82 15.17
C TRP B 223 -5.44 26.51 15.83
N ILE B 224 -4.62 25.47 15.70
CA ILE B 224 -4.95 24.19 16.34
C ILE B 224 -5.00 24.35 17.85
N LYS B 225 -4.02 25.04 18.43
CA LYS B 225 -4.01 25.25 19.87
C LYS B 225 -5.21 26.06 20.33
N ASN B 226 -5.57 27.10 19.57
CA ASN B 226 -6.74 27.90 19.92
C ASN B 226 -8.02 27.08 19.84
N THR B 227 -8.14 26.23 18.82
CA THR B 227 -9.32 25.37 18.70
C THR B 227 -9.39 24.37 19.84
N ILE B 228 -8.24 23.80 20.22
CA ILE B 228 -8.22 22.86 21.34
C ILE B 228 -8.64 23.55 22.63
N ALA B 229 -8.10 24.75 22.88
CA ALA B 229 -8.44 25.48 24.10
C ALA B 229 -9.91 25.86 24.12
N ALA B 230 -10.46 26.30 22.99
CA ALA B 230 -11.85 26.72 22.94
C ALA B 230 -12.81 25.53 22.98
N ASN B 231 -12.38 24.38 22.47
CA ASN B 231 -13.21 23.18 22.40
C ASN B 231 -12.59 22.04 23.20
N SER B 232 -12.12 22.33 24.40
CA SER B 232 -11.53 21.31 25.26
C SER B 232 -12.59 20.40 25.85
N ILE C 1 -51.83 2.90 34.77
CA ILE C 1 -51.21 2.39 33.56
C ILE C 1 -49.79 2.93 33.42
N GLU C 2 -48.83 2.03 33.26
CA GLU C 2 -47.42 2.39 33.12
C GLU C 2 -46.85 1.76 31.86
N CYS C 3 -45.83 2.40 31.30
CA CYS C 3 -45.20 1.96 30.07
C CYS C 3 -43.79 1.44 30.35
N LEU C 4 -43.33 0.54 29.49
CA LEU C 4 -41.99 -0.01 29.61
C LEU C 4 -40.96 1.07 29.27
N PRO C 5 -39.72 0.91 29.77
CA PRO C 5 -38.67 1.87 29.41
C PRO C 5 -38.44 1.93 27.91
N GLY C 6 -38.13 3.13 27.42
CA GLY C 6 -38.00 3.36 25.99
C GLY C 6 -39.28 3.74 25.29
N SER C 7 -40.41 3.74 25.99
CA SER C 7 -41.69 4.13 25.43
C SER C 7 -42.43 5.04 26.41
N SER C 8 -43.33 5.84 25.88
CA SER C 8 -44.08 6.80 26.67
C SER C 8 -45.57 6.68 26.38
N PRO C 9 -46.42 7.03 27.34
CA PRO C 9 -47.87 6.98 27.11
C PRO C 9 -48.36 8.21 26.36
N CYS C 10 -49.64 8.17 26.01
CA CYS C 10 -50.28 9.29 25.34
C CYS C 10 -50.88 10.25 26.37
N THR C 11 -51.60 11.26 25.89
CA THR C 11 -52.25 12.21 26.79
C THR C 11 -53.29 11.51 27.67
N ASP C 12 -54.08 10.62 27.07
CA ASP C 12 -55.08 9.87 27.83
C ASP C 12 -54.47 8.75 28.66
N ALA C 13 -53.17 8.50 28.52
CA ALA C 13 -52.47 7.44 29.27
C ALA C 13 -53.11 6.08 29.07
N LEU C 14 -53.50 5.79 27.83
CA LEU C 14 -54.11 4.51 27.47
C LEU C 14 -53.26 3.65 26.57
N THR C 15 -52.41 4.26 25.74
CA THR C 15 -51.56 3.52 24.81
C THR C 15 -50.12 3.98 24.96
N CYS C 16 -49.20 3.01 24.95
CA CYS C 16 -47.77 3.29 25.03
C CYS C 16 -47.16 3.19 23.64
N ILE C 17 -46.42 4.21 23.24
CA ILE C 17 -45.76 4.24 21.94
C ILE C 17 -44.29 4.61 22.12
N LYS C 18 -43.49 4.22 21.15
CA LYS C 18 -42.05 4.46 21.21
C LYS C 18 -41.76 5.96 21.19
N ALA C 19 -40.69 6.34 21.89
CA ALA C 19 -40.32 7.75 21.99
C ALA C 19 -39.97 8.32 20.62
N ASP C 20 -39.27 7.53 19.79
CA ASP C 20 -38.91 7.99 18.45
C ASP C 20 -40.14 8.20 17.56
N LEU C 21 -41.27 7.55 17.90
CA LEU C 21 -42.49 7.72 17.12
C LEU C 21 -43.25 9.00 17.45
N PHE C 22 -42.89 9.67 18.54
CA PHE C 22 -43.56 10.92 18.90
C PHE C 22 -43.21 12.01 17.90
N CYS C 23 -44.23 12.72 17.43
CA CYS C 23 -44.08 13.87 16.52
C CYS C 23 -43.38 13.50 15.23
N ASP C 24 -43.35 12.21 14.88
CA ASP C 24 -42.68 11.78 13.66
C ASP C 24 -43.46 12.23 12.42
N GLY C 25 -44.79 12.20 12.49
CA GLY C 25 -45.61 12.61 11.36
C GLY C 25 -46.84 11.75 11.17
N GLU C 26 -46.79 10.51 11.64
CA GLU C 26 -47.90 9.59 11.57
C GLU C 26 -48.61 9.50 12.92
N VAL C 27 -49.94 9.55 12.88
CA VAL C 27 -50.72 9.52 14.11
C VAL C 27 -50.66 8.12 14.69
N ASN C 28 -50.19 8.02 15.94
CA ASN C 28 -50.08 6.75 16.64
C ASN C 28 -51.05 6.64 17.81
N CYS C 29 -51.21 7.70 18.60
CA CYS C 29 -52.17 7.68 19.70
C CYS C 29 -53.59 7.68 19.14
N PRO C 30 -54.52 7.03 19.85
CA PRO C 30 -55.92 7.05 19.39
C PRO C 30 -56.51 8.45 19.31
N ASP C 31 -56.10 9.36 20.19
CA ASP C 31 -56.58 10.73 20.17
C ASP C 31 -55.68 11.69 19.41
N GLY C 32 -54.61 11.18 18.79
CA GLY C 32 -53.70 12.04 18.06
C GLY C 32 -52.80 12.88 18.93
N SER C 33 -52.55 12.46 20.18
CA SER C 33 -51.71 13.25 21.08
C SER C 33 -50.26 13.29 20.62
N ASP C 34 -49.79 12.25 19.93
CA ASP C 34 -48.41 12.21 19.46
C ASP C 34 -48.12 13.30 18.43
N GLU C 35 -49.15 13.83 17.77
CA GLU C 35 -49.00 14.92 16.82
C GLU C 35 -49.57 16.24 17.34
N ASP C 36 -49.98 16.28 18.61
CA ASP C 36 -50.56 17.49 19.17
C ASP C 36 -49.51 18.59 19.31
N ASN C 37 -49.94 19.84 19.10
CA ASN C 37 -49.02 20.97 19.19
C ASN C 37 -48.46 21.13 20.60
N LYS C 38 -49.31 21.01 21.61
CA LYS C 38 -48.85 21.15 22.98
C LYS C 38 -47.91 20.01 23.38
N MET C 39 -48.24 18.79 22.97
CA MET C 39 -47.36 17.66 23.29
C MET C 39 -46.01 17.80 22.60
N CYS C 40 -46.00 18.22 21.34
CA CYS C 40 -44.77 18.42 20.59
C CYS C 40 -44.31 19.86 20.78
N ALA C 41 -43.56 20.07 21.86
CA ALA C 41 -43.08 21.40 22.20
C ALA C 41 -42.01 21.84 21.22
N THR C 42 -42.41 22.56 20.17
CA THR C 42 -41.46 22.97 19.15
C THR C 42 -40.47 24.00 19.66
N VAL C 43 -40.88 24.83 20.62
CA VAL C 43 -40.03 25.86 21.24
C VAL C 43 -39.70 26.96 20.24
N CYS C 44 -39.40 26.59 19.00
CA CYS C 44 -39.07 27.57 17.97
C CYS C 44 -40.16 28.64 17.84
N ASP C 45 -41.41 28.20 17.65
CA ASP C 45 -42.52 29.13 17.57
C ASP C 45 -43.79 28.65 18.27
N GLY C 46 -43.76 27.49 18.93
CA GLY C 46 -44.92 26.98 19.63
C GLY C 46 -45.96 26.32 18.77
N ARG C 47 -45.74 26.22 17.46
CA ARG C 47 -46.69 25.62 16.54
C ARG C 47 -46.08 24.38 15.90
N PHE C 48 -46.84 23.30 15.88
CA PHE C 48 -46.38 22.03 15.30
C PHE C 48 -47.17 21.62 14.08
N LEU C 49 -48.50 21.78 14.08
CA LEU C 49 -49.34 21.43 12.95
C LEU C 49 -49.73 22.73 12.23
N LEU C 50 -49.18 22.92 11.02
CA LEU C 50 -49.45 24.10 10.22
C LEU C 50 -50.54 23.76 9.20
N THR C 51 -51.78 23.75 9.68
CA THR C 51 -52.92 23.44 8.83
C THR C 51 -53.19 24.53 7.80
N GLY C 52 -52.70 25.75 8.03
CA GLY C 52 -52.92 26.82 7.08
C GLY C 52 -52.14 26.63 5.79
N SER C 53 -52.63 27.29 4.74
CA SER C 53 -52.00 27.18 3.43
C SER C 53 -50.75 28.05 3.30
N SER C 54 -50.54 29.00 4.21
CA SER C 54 -49.39 29.88 4.15
C SER C 54 -49.05 30.36 5.55
N GLY C 55 -47.81 30.82 5.71
CA GLY C 55 -47.38 31.32 7.00
C GLY C 55 -45.87 31.49 7.03
N SER C 56 -45.34 31.61 8.24
CA SER C 56 -43.90 31.78 8.43
C SER C 56 -43.46 31.02 9.67
N PHE C 57 -42.18 30.67 9.71
CA PHE C 57 -41.60 29.95 10.83
C PHE C 57 -40.13 30.30 10.97
N GLN C 58 -39.69 30.43 12.22
CA GLN C 58 -38.32 30.82 12.54
C GLN C 58 -37.67 29.75 13.41
N ALA C 59 -36.34 29.80 13.45
CA ALA C 59 -35.56 28.81 14.19
C ALA C 59 -35.53 29.18 15.68
N THR C 60 -34.69 28.47 16.44
CA THR C 60 -34.60 28.71 17.88
C THR C 60 -34.01 30.08 18.16
N HIS C 61 -34.66 30.83 19.06
CA HIS C 61 -34.13 32.10 19.58
C HIS C 61 -33.82 33.08 18.44
N TYR C 62 -34.88 33.52 17.78
CA TYR C 62 -34.73 34.47 16.69
C TYR C 62 -33.93 35.71 17.06
N PRO C 63 -34.15 36.38 18.20
CA PRO C 63 -33.31 37.53 18.55
C PRO C 63 -32.13 37.23 19.47
N LYS C 64 -31.85 35.98 19.77
CA LYS C 64 -30.81 35.62 20.73
C LYS C 64 -29.93 34.50 20.18
N PRO C 65 -28.65 34.51 20.50
CA PRO C 65 -27.79 33.38 20.12
C PRO C 65 -28.32 32.07 20.72
N SER C 66 -28.23 31.00 19.92
CA SER C 66 -28.79 29.70 20.32
C SER C 66 -27.79 28.98 21.21
N GLU C 67 -27.76 29.39 22.47
CA GLU C 67 -26.85 28.77 23.45
C GLU C 67 -27.26 27.34 23.79
N THR C 68 -28.53 27.00 23.62
CA THR C 68 -29.05 25.68 23.95
C THR C 68 -29.47 24.95 22.68
N SER C 69 -29.03 23.70 22.56
CA SER C 69 -29.36 22.87 21.39
C SER C 69 -30.80 22.40 21.51
N VAL C 70 -31.68 23.00 20.72
CA VAL C 70 -33.11 22.68 20.72
C VAL C 70 -33.50 22.19 19.34
N VAL C 71 -34.12 21.02 19.27
CA VAL C 71 -34.54 20.43 18.01
C VAL C 71 -35.98 20.84 17.74
N CYS C 72 -36.25 21.35 16.54
CA CYS C 72 -37.58 21.81 16.16
C CYS C 72 -38.10 20.98 15.00
N GLN C 73 -39.42 20.77 14.99
CA GLN C 73 -40.06 20.03 13.92
C GLN C 73 -41.44 20.63 13.66
N TRP C 74 -41.78 20.78 12.38
CA TRP C 74 -43.06 21.32 11.96
C TRP C 74 -43.67 20.42 10.90
N ILE C 75 -44.99 20.31 10.92
CA ILE C 75 -45.74 19.58 9.90
C ILE C 75 -46.70 20.57 9.25
N ILE C 76 -46.58 20.73 7.93
CA ILE C 76 -47.46 21.61 7.16
C ILE C 76 -48.46 20.73 6.42
N ARG C 77 -49.74 20.96 6.67
CA ARG C 77 -50.81 20.16 6.11
C ARG C 77 -51.75 21.06 5.32
N VAL C 78 -52.07 20.64 4.09
CA VAL C 78 -53.00 21.35 3.22
C VAL C 78 -54.00 20.35 2.66
N ASN C 79 -54.86 20.83 1.77
CA ASN C 79 -55.84 19.96 1.13
C ASN C 79 -55.15 18.92 0.27
N GLN C 80 -55.76 17.74 0.18
CA GLN C 80 -55.19 16.65 -0.59
C GLN C 80 -55.06 17.02 -2.06
N GLY C 81 -53.91 16.70 -2.65
CA GLY C 81 -53.64 17.00 -4.04
C GLY C 81 -52.96 18.34 -4.28
N LEU C 82 -52.78 19.15 -3.25
CA LEU C 82 -52.13 20.44 -3.40
C LEU C 82 -50.69 20.38 -2.93
N SER C 83 -49.83 21.16 -3.61
CA SER C 83 -48.41 21.24 -3.28
C SER C 83 -48.17 22.36 -2.28
N ILE C 84 -47.00 22.31 -1.66
CA ILE C 84 -46.59 23.29 -0.67
C ILE C 84 -45.23 23.86 -1.07
N LYS C 85 -45.14 25.19 -1.11
CA LYS C 85 -43.94 25.90 -1.51
C LYS C 85 -43.31 26.55 -0.29
N LEU C 86 -42.03 26.27 -0.04
CA LEU C 86 -41.29 26.85 1.08
C LEU C 86 -40.25 27.81 0.52
N SER C 87 -40.25 29.04 1.05
CA SER C 87 -39.33 30.08 0.60
C SER C 87 -38.32 30.36 1.72
N PHE C 88 -37.04 30.21 1.39
CA PHE C 88 -35.95 30.46 2.33
C PHE C 88 -35.14 31.66 1.86
N ASP C 89 -34.93 32.62 2.76
CA ASP C 89 -34.22 33.85 2.42
C ASP C 89 -32.79 33.90 2.94
N ASP C 90 -32.51 33.27 4.07
CA ASP C 90 -31.16 33.32 4.64
C ASP C 90 -30.88 31.99 5.33
N PHE C 91 -29.78 31.34 4.92
CA PHE C 91 -29.34 30.10 5.56
C PHE C 91 -27.83 30.07 5.71
N ASN C 92 -27.21 31.25 5.83
CA ASN C 92 -25.76 31.36 5.97
C ASN C 92 -25.39 31.07 7.43
N THR C 93 -25.13 29.81 7.74
CA THR C 93 -24.78 29.38 9.08
C THR C 93 -23.47 28.62 9.06
N TYR C 94 -22.80 28.62 10.21
CA TYR C 94 -21.51 27.93 10.35
C TYR C 94 -21.75 26.47 10.75
N TYR C 95 -22.42 25.76 9.85
CA TYR C 95 -22.79 24.35 9.98
C TYR C 95 -23.31 24.03 11.39
N THR C 96 -23.03 22.81 11.86
CA THR C 96 -23.48 22.27 13.14
C THR C 96 -25.00 22.16 13.24
N ASP C 97 -25.72 22.47 12.16
CA ASP C 97 -27.17 22.39 12.14
C ASP C 97 -27.62 21.65 10.89
N ILE C 98 -28.72 20.93 10.99
CA ILE C 98 -29.25 20.13 9.89
C ILE C 98 -30.68 20.58 9.62
N LEU C 99 -30.96 20.92 8.36
CA LEU C 99 -32.30 21.28 7.91
C LEU C 99 -32.79 20.19 6.96
N ASP C 100 -33.78 19.43 7.38
CA ASP C 100 -34.33 18.32 6.60
C ASP C 100 -35.76 18.65 6.18
N ILE C 101 -36.03 18.55 4.89
CA ILE C 101 -37.37 18.75 4.35
C ILE C 101 -37.81 17.44 3.71
N TYR C 102 -38.93 16.91 4.17
CA TYR C 102 -39.40 15.60 3.72
C TYR C 102 -40.81 15.71 3.18
N GLU C 103 -41.04 15.03 2.05
CA GLU C 103 -42.36 14.94 1.44
C GLU C 103 -43.14 13.81 2.11
N GLY C 104 -44.29 14.15 2.69
CA GLY C 104 -45.08 13.16 3.39
C GLY C 104 -44.51 12.84 4.75
N VAL C 105 -45.12 11.83 5.39
CA VAL C 105 -44.73 11.40 6.72
C VAL C 105 -44.54 9.88 6.72
N GLY C 106 -43.77 9.41 7.70
CA GLY C 106 -43.54 7.99 7.86
C GLY C 106 -42.34 7.48 7.10
N SER C 107 -42.56 6.46 6.26
CA SER C 107 -41.46 5.83 5.53
C SER C 107 -40.91 6.70 4.41
N SER C 108 -41.57 7.81 4.08
CA SER C 108 -41.11 8.69 3.02
C SER C 108 -40.04 9.67 3.47
N LYS C 109 -39.68 9.67 4.76
CA LYS C 109 -38.66 10.58 5.29
C LYS C 109 -37.33 9.86 5.31
N ILE C 110 -36.73 9.70 4.12
CA ILE C 110 -35.46 9.01 4.01
C ILE C 110 -34.41 9.93 3.38
N LEU C 111 -34.66 10.37 2.14
CA LEU C 111 -33.67 11.20 1.43
C LEU C 111 -34.32 12.27 0.58
N ARG C 112 -35.45 12.84 1.02
CA ARG C 112 -36.16 13.82 0.21
C ARG C 112 -35.31 15.06 -0.03
N ALA C 113 -34.74 15.63 1.04
CA ALA C 113 -33.92 16.83 0.90
C ALA C 113 -32.99 16.95 2.11
N SER C 114 -31.84 17.55 1.87
CA SER C 114 -30.87 17.81 2.94
C SER C 114 -30.01 18.98 2.51
N ILE C 115 -30.22 20.14 3.12
CA ILE C 115 -29.55 21.38 2.73
C ILE C 115 -28.84 21.95 3.95
N TRP C 116 -27.56 22.30 3.78
CA TRP C 116 -26.78 22.89 4.85
C TRP C 116 -25.78 23.87 4.24
N GLU C 117 -25.49 24.93 5.00
CA GLU C 117 -24.49 25.95 4.68
C GLU C 117 -24.83 26.75 3.42
N THR C 118 -26.00 26.53 2.83
CA THR C 118 -26.39 27.22 1.61
C THR C 118 -27.88 27.51 1.67
N ASN C 119 -28.27 28.68 1.17
CA ASN C 119 -29.68 29.06 1.15
C ASN C 119 -30.39 28.25 0.08
N PRO C 120 -31.40 27.43 0.43
CA PRO C 120 -32.07 26.62 -0.60
C PRO C 120 -33.02 27.43 -1.47
N GLY C 121 -33.43 28.62 -1.04
CA GLY C 121 -34.35 29.43 -1.83
C GLY C 121 -35.77 28.93 -1.80
N THR C 122 -36.24 28.38 -2.92
CA THR C 122 -37.60 27.87 -3.04
C THR C 122 -37.56 26.37 -3.22
N ILE C 123 -38.33 25.66 -2.38
CA ILE C 123 -38.45 24.21 -2.45
C ILE C 123 -39.94 23.86 -2.50
N ARG C 124 -40.34 23.09 -3.51
CA ARG C 124 -41.72 22.73 -3.72
C ARG C 124 -41.91 21.24 -3.44
N ILE C 125 -42.90 20.91 -2.62
CA ILE C 125 -43.20 19.54 -2.24
C ILE C 125 -44.58 19.19 -2.76
N PHE C 126 -44.67 18.09 -3.49
CA PHE C 126 -45.93 17.67 -4.13
C PHE C 126 -46.66 16.66 -3.25
N SER C 127 -47.09 17.13 -2.08
CA SER C 127 -47.84 16.31 -1.16
C SER C 127 -48.65 17.21 -0.24
N ASN C 128 -49.67 16.63 0.38
CA ASN C 128 -50.49 17.36 1.35
C ASN C 128 -49.82 17.53 2.70
N GLN C 129 -48.74 16.79 2.96
CA GLN C 129 -48.02 16.85 4.24
C GLN C 129 -46.54 17.07 3.98
N VAL C 130 -45.97 18.07 4.64
CA VAL C 130 -44.55 18.40 4.53
C VAL C 130 -43.96 18.41 5.93
N THR C 131 -42.81 17.75 6.10
CA THR C 131 -42.12 17.70 7.39
C THR C 131 -40.85 18.55 7.30
N ALA C 132 -40.72 19.52 8.20
CA ALA C 132 -39.54 20.37 8.27
C ALA C 132 -38.88 20.19 9.63
N THR C 133 -37.65 19.70 9.64
CA THR C 133 -36.92 19.41 10.87
C THR C 133 -35.64 20.22 10.91
N PHE C 134 -35.44 20.95 12.01
CA PHE C 134 -34.21 21.66 12.28
C PHE C 134 -33.55 21.00 13.49
N LEU C 135 -32.43 20.33 13.25
CA LEU C 135 -31.72 19.57 14.26
C LEU C 135 -30.41 20.27 14.62
N ILE C 136 -30.18 20.46 15.92
CA ILE C 136 -28.96 21.06 16.44
C ILE C 136 -28.23 20.00 17.25
N GLU C 137 -27.04 19.63 16.80
CA GLU C 137 -26.28 18.54 17.39
C GLU C 137 -25.28 19.01 18.43
N SER C 138 -25.17 20.31 18.69
CA SER C 138 -24.22 20.82 19.67
C SER C 138 -24.69 22.18 20.16
N ASP C 139 -24.15 22.58 21.31
CA ASP C 139 -24.50 23.87 21.91
C ASP C 139 -23.69 24.98 21.24
N GLU C 140 -24.06 25.27 20.00
CA GLU C 140 -23.40 26.28 19.19
C GLU C 140 -24.34 27.48 19.03
N SER C 141 -23.86 28.66 19.43
CA SER C 141 -24.64 29.89 19.35
C SER C 141 -24.15 30.82 18.25
N ASP C 142 -23.71 30.25 17.11
CA ASP C 142 -23.18 31.08 16.04
C ASP C 142 -24.28 31.83 15.30
N TYR C 143 -25.41 31.16 15.05
CA TYR C 143 -26.49 31.77 14.28
C TYR C 143 -27.82 31.17 14.71
N VAL C 144 -28.90 31.90 14.43
CA VAL C 144 -30.24 31.39 14.71
C VAL C 144 -30.52 30.16 13.87
N GLY C 145 -30.23 30.23 12.57
CA GLY C 145 -30.27 29.08 11.69
C GLY C 145 -31.05 29.28 10.41
N PHE C 146 -32.21 29.92 10.49
CA PHE C 146 -33.02 30.25 9.31
C PHE C 146 -34.27 30.99 9.77
N ASN C 147 -35.00 31.54 8.79
CA ASN C 147 -36.31 32.13 9.02
C ASN C 147 -37.03 32.14 7.68
N ALA C 148 -38.05 31.28 7.54
CA ALA C 148 -38.63 31.01 6.24
C ALA C 148 -40.12 31.27 6.24
N THR C 149 -40.68 31.35 5.03
CA THR C 149 -42.10 31.50 4.80
C THR C 149 -42.56 30.44 3.81
N TYR C 150 -43.83 30.04 3.93
CA TYR C 150 -44.37 28.98 3.10
C TYR C 150 -45.75 29.38 2.58
N THR C 151 -46.10 28.83 1.42
CA THR C 151 -47.40 29.01 0.80
C THR C 151 -47.80 27.71 0.11
N ALA C 152 -48.89 27.75 -0.66
CA ALA C 152 -49.39 26.57 -1.34
C ALA C 152 -49.85 26.94 -2.74
N PHE C 153 -49.86 25.95 -3.62
CA PHE C 153 -50.30 26.14 -5.01
C PHE C 153 -50.70 24.79 -5.59
N ASN C 154 -51.50 24.83 -6.65
CA ASN C 154 -51.96 23.60 -7.28
C ASN C 154 -50.82 22.91 -8.01
N SER C 155 -50.85 21.58 -8.01
CA SER C 155 -49.75 20.77 -8.53
C SER C 155 -49.99 20.27 -9.95
N SER C 156 -51.20 20.44 -10.48
CA SER C 156 -51.55 19.87 -11.77
C SER C 156 -52.04 20.90 -12.77
N GLU C 157 -52.24 22.14 -12.34
CA GLU C 157 -52.64 23.20 -13.27
C GLU C 157 -51.47 23.61 -14.16
N LEU C 158 -50.26 23.25 -13.75
CA LEU C 158 -49.06 23.60 -14.50
C LEU C 158 -49.03 22.85 -15.83
N ASN C 159 -48.61 23.52 -16.89
CA ASN C 159 -48.50 22.89 -18.19
C ASN C 159 -47.16 22.19 -18.32
N ASN C 160 -46.90 21.63 -19.51
CA ASN C 160 -45.65 20.93 -19.74
C ASN C 160 -44.45 21.88 -19.72
N TYR C 161 -44.64 23.13 -20.13
CA TYR C 161 -43.54 24.09 -20.15
C TYR C 161 -43.08 24.43 -18.74
N GLU C 162 -44.01 24.74 -17.84
CA GLU C 162 -43.65 25.15 -16.49
C GLU C 162 -43.04 23.99 -15.70
N LYS C 163 -43.60 22.78 -15.86
CA LYS C 163 -43.14 21.65 -15.07
C LYS C 163 -41.72 21.23 -15.40
N ILE C 164 -41.19 21.60 -16.55
CA ILE C 164 -39.86 21.19 -16.99
C ILE C 164 -38.86 22.34 -16.94
N ASN C 165 -39.29 23.54 -17.31
CA ASN C 165 -38.38 24.69 -17.34
C ASN C 165 -37.86 24.99 -15.93
N CYS C 166 -36.53 24.99 -15.79
CA CYS C 166 -35.91 25.23 -14.49
C CYS C 166 -34.46 25.63 -14.70
N ASN C 167 -34.09 26.81 -14.21
CA ASN C 167 -32.70 27.24 -14.23
C ASN C 167 -31.93 26.84 -12.97
N PHE C 168 -32.61 26.23 -12.00
CA PHE C 168 -32.03 25.76 -10.74
C PHE C 168 -31.40 26.86 -9.93
N GLU C 169 -31.72 28.13 -10.21
CA GLU C 169 -31.21 29.24 -9.42
C GLU C 169 -32.01 29.46 -8.14
N ASP C 170 -33.19 28.86 -8.03
CA ASP C 170 -34.06 29.02 -6.87
C ASP C 170 -34.59 27.66 -6.42
N GLY C 171 -33.70 26.68 -6.33
CA GLY C 171 -34.06 25.35 -5.90
C GLY C 171 -34.20 24.36 -7.05
N PHE C 172 -34.94 23.29 -6.78
CA PHE C 172 -35.16 22.23 -7.74
C PHE C 172 -36.39 22.46 -8.60
N CYS C 173 -37.08 23.59 -8.43
CA CYS C 173 -38.33 23.91 -9.14
C CYS C 173 -39.33 22.82 -8.84
N PHE C 174 -39.89 22.15 -9.84
CA PHE C 174 -40.94 21.16 -9.66
C PHE C 174 -40.43 19.72 -9.72
N TRP C 175 -39.12 19.54 -9.85
CA TRP C 175 -38.56 18.19 -9.92
C TRP C 175 -38.61 17.52 -8.55
N VAL C 176 -38.84 16.21 -8.54
CA VAL C 176 -38.92 15.42 -7.32
C VAL C 176 -37.85 14.35 -7.38
N GLN C 177 -37.03 14.28 -6.33
CA GLN C 177 -36.01 13.25 -6.25
C GLN C 177 -36.66 11.87 -6.08
N ASP C 178 -36.12 10.89 -6.81
CA ASP C 178 -36.66 9.55 -6.76
C ASP C 178 -36.32 8.90 -5.42
N LEU C 179 -37.32 8.31 -4.77
CA LEU C 179 -37.11 7.66 -3.48
C LEU C 179 -36.39 6.32 -3.62
N ASN C 180 -36.37 5.74 -4.82
CA ASN C 180 -35.70 4.47 -5.05
C ASN C 180 -34.19 4.62 -5.21
N ASP C 181 -33.69 5.84 -5.33
CA ASP C 181 -32.27 6.06 -5.49
C ASP C 181 -31.53 5.81 -4.17
N ASP C 182 -30.24 5.50 -4.29
CA ASP C 182 -29.39 5.33 -3.12
C ASP C 182 -28.91 6.66 -2.54
N ASN C 183 -29.05 7.75 -3.28
CA ASN C 183 -28.64 9.07 -2.82
C ASN C 183 -29.54 10.11 -3.49
N GLU C 184 -29.15 11.37 -3.39
CA GLU C 184 -29.92 12.47 -3.95
C GLU C 184 -28.99 13.43 -4.67
N TRP C 185 -29.55 14.19 -5.61
CA TRP C 185 -28.80 15.19 -6.35
C TRP C 185 -28.59 16.41 -5.46
N GLU C 186 -27.35 16.62 -5.01
CA GLU C 186 -27.05 17.73 -4.12
C GLU C 186 -27.05 19.04 -4.89
N ARG C 187 -27.49 20.10 -4.21
CA ARG C 187 -27.54 21.45 -4.77
C ARG C 187 -26.31 22.22 -4.30
N ILE C 188 -25.53 22.72 -5.24
CA ILE C 188 -24.26 23.38 -4.96
C ILE C 188 -24.26 24.77 -5.58
N GLN C 189 -23.77 25.75 -4.82
CA GLN C 189 -23.57 27.11 -5.30
C GLN C 189 -22.08 27.29 -5.61
N GLY C 190 -21.75 27.30 -6.89
CA GLY C 190 -20.37 27.51 -7.30
C GLY C 190 -19.61 26.21 -7.48
N SER C 191 -18.28 26.34 -7.44
CA SER C 191 -17.41 25.19 -7.65
C SER C 191 -17.54 24.19 -6.51
N THR C 192 -17.39 22.91 -6.85
CA THR C 192 -17.48 21.82 -5.90
C THR C 192 -16.11 21.43 -5.37
N PHE C 193 -16.11 20.51 -4.41
CA PHE C 193 -14.87 19.99 -3.86
C PHE C 193 -14.23 19.02 -4.86
N SER C 194 -13.03 18.53 -4.50
CA SER C 194 -12.27 17.60 -5.32
C SER C 194 -12.11 18.13 -6.74
N PRO C 195 -11.24 19.13 -6.96
CA PRO C 195 -11.13 19.75 -8.28
C PRO C 195 -10.64 18.81 -9.36
N PHE C 196 -10.52 19.33 -10.59
CA PHE C 196 -10.20 18.58 -11.81
C PHE C 196 -11.31 17.62 -12.21
N THR C 197 -12.51 17.77 -11.64
CA THR C 197 -13.68 17.03 -12.07
C THR C 197 -14.92 17.82 -11.69
N GLY C 198 -15.93 17.78 -12.55
CA GLY C 198 -17.16 18.50 -12.32
C GLY C 198 -17.07 19.96 -12.69
N PRO C 199 -18.21 20.64 -12.77
CA PRO C 199 -18.20 22.06 -13.13
C PRO C 199 -17.63 22.92 -12.02
N ASN C 200 -17.04 24.05 -12.42
CA ASN C 200 -16.49 25.02 -11.48
C ASN C 200 -17.34 26.29 -11.41
N PHE C 201 -18.45 26.35 -12.14
CA PHE C 201 -19.31 27.53 -12.14
C PHE C 201 -20.71 27.12 -12.56
N ASP C 202 -21.67 27.98 -12.26
CA ASP C 202 -23.06 27.74 -12.58
C ASP C 202 -23.35 28.18 -14.02
N HIS C 203 -24.09 27.37 -14.76
CA HIS C 203 -24.38 27.68 -16.15
C HIS C 203 -25.35 28.85 -16.28
N THR C 204 -26.36 28.90 -15.41
CA THR C 204 -27.39 29.94 -15.52
C THR C 204 -26.81 31.33 -15.30
N PHE C 205 -26.11 31.53 -14.18
CA PHE C 205 -25.50 32.82 -13.89
C PHE C 205 -24.21 33.07 -14.66
N GLY C 206 -23.43 32.02 -14.91
CA GLY C 206 -22.13 32.17 -15.54
C GLY C 206 -20.98 32.33 -14.57
N ASN C 207 -21.27 32.51 -13.28
CA ASN C 207 -20.22 32.60 -12.27
C ASN C 207 -20.56 31.73 -11.06
N ALA C 208 -19.76 31.84 -10.00
CA ALA C 208 -19.91 30.99 -8.83
C ALA C 208 -21.11 31.36 -7.96
N SER C 209 -21.70 32.53 -8.16
CA SER C 209 -22.82 32.95 -7.33
C SER C 209 -24.11 32.17 -7.65
N GLY C 210 -24.15 31.46 -8.78
CA GLY C 210 -25.34 30.72 -9.15
C GLY C 210 -25.44 29.38 -8.44
N PHE C 211 -26.60 28.75 -8.60
CA PHE C 211 -26.90 27.47 -7.98
C PHE C 211 -27.20 26.43 -9.04
N TYR C 212 -26.70 25.21 -8.85
CA TYR C 212 -27.01 24.11 -9.75
C TYR C 212 -27.12 22.84 -8.94
N ILE C 213 -27.36 21.73 -9.64
CA ILE C 213 -27.48 20.42 -9.00
C ILE C 213 -26.47 19.47 -9.62
N SER C 214 -26.02 18.50 -8.84
CA SER C 214 -25.02 17.55 -9.30
C SER C 214 -25.00 16.36 -8.35
N THR C 215 -24.07 15.44 -8.62
CA THR C 215 -23.85 14.31 -7.75
C THR C 215 -23.24 14.78 -6.42
N PRO C 216 -23.38 13.99 -5.35
CA PRO C 216 -22.79 14.39 -4.07
C PRO C 216 -21.29 14.63 -4.18
N THR C 217 -20.82 15.67 -3.51
CA THR C 217 -19.42 16.06 -3.60
C THR C 217 -18.52 15.29 -2.64
N GLY C 218 -19.09 14.49 -1.74
CA GLY C 218 -18.30 13.70 -0.81
C GLY C 218 -17.51 12.62 -1.52
N PRO C 219 -16.34 12.29 -0.97
CA PRO C 219 -15.51 11.25 -1.60
C PRO C 219 -16.08 9.85 -1.40
N GLY C 220 -17.23 9.58 -2.00
CA GLY C 220 -17.86 8.28 -1.85
C GLY C 220 -17.03 7.20 -2.51
N GLY C 221 -16.75 6.13 -1.77
CA GLY C 221 -16.00 5.00 -2.26
C GLY C 221 -16.84 3.86 -2.80
N ARG C 222 -18.15 4.05 -2.98
CA ARG C 222 -19.02 3.00 -3.45
C ARG C 222 -19.91 3.54 -4.57
N GLN C 223 -20.28 2.67 -5.49
CA GLN C 223 -21.15 3.04 -6.59
C GLN C 223 -22.59 3.15 -6.11
N GLU C 224 -23.25 4.26 -6.46
CA GLU C 224 -24.62 4.52 -6.07
C GLU C 224 -25.45 4.86 -7.30
N ARG C 225 -26.75 5.02 -7.09
CA ARG C 225 -27.69 5.35 -8.16
C ARG C 225 -28.45 6.61 -7.79
N VAL C 226 -28.55 7.56 -8.73
CA VAL C 226 -29.31 8.78 -8.53
C VAL C 226 -30.21 8.99 -9.74
N GLY C 227 -31.30 9.70 -9.51
CA GLY C 227 -32.27 9.93 -10.56
C GLY C 227 -33.26 11.03 -10.29
N LEU C 228 -33.61 11.78 -11.33
CA LEU C 228 -34.61 12.82 -11.26
C LEU C 228 -35.83 12.41 -12.08
N LEU C 229 -36.99 12.39 -11.44
CA LEU C 229 -38.24 12.00 -12.08
C LEU C 229 -39.07 13.25 -12.33
N SER C 230 -39.48 13.45 -13.57
CA SER C 230 -40.31 14.60 -13.91
C SER C 230 -41.77 14.31 -13.64
N LEU C 231 -42.56 15.38 -13.53
CA LEU C 231 -43.99 15.27 -13.33
C LEU C 231 -44.64 14.72 -14.61
N PRO C 232 -45.79 14.07 -14.47
CA PRO C 232 -46.51 13.60 -15.66
C PRO C 232 -46.85 14.75 -16.60
N LEU C 233 -46.72 14.50 -17.89
CA LEU C 233 -46.97 15.50 -18.93
C LEU C 233 -48.20 15.11 -19.74
N ASP C 234 -49.16 16.01 -19.83
CA ASP C 234 -50.36 15.75 -20.60
C ASP C 234 -50.03 15.65 -22.08
N PRO C 235 -50.71 14.76 -22.82
CA PRO C 235 -50.43 14.62 -24.25
C PRO C 235 -50.76 15.89 -25.02
N THR C 236 -49.97 16.15 -26.06
CA THR C 236 -50.13 17.32 -26.90
C THR C 236 -50.22 16.89 -28.36
N LEU C 237 -50.93 17.69 -29.16
CA LEU C 237 -51.10 17.39 -30.57
C LEU C 237 -49.81 17.56 -31.36
N GLU C 238 -48.79 18.20 -30.80
CA GLU C 238 -47.53 18.41 -31.47
C GLU C 238 -46.38 17.95 -30.59
N PRO C 239 -45.42 17.22 -31.14
CA PRO C 239 -44.25 16.80 -30.34
C PRO C 239 -43.47 18.00 -29.83
N ALA C 240 -42.91 17.84 -28.64
CA ALA C 240 -42.18 18.93 -27.98
C ALA C 240 -40.68 18.73 -28.14
N CYS C 241 -39.92 19.73 -27.68
CA CYS C 241 -38.46 19.69 -27.73
C CYS C 241 -37.92 19.90 -26.33
N LEU C 242 -37.11 18.96 -25.85
CA LEU C 242 -36.48 19.03 -24.54
C LEU C 242 -35.03 19.47 -24.71
N SER C 243 -34.67 20.57 -24.05
CA SER C 243 -33.31 21.11 -24.10
C SER C 243 -32.74 21.16 -22.69
N PHE C 244 -31.46 20.85 -22.57
CA PHE C 244 -30.82 20.81 -21.27
C PHE C 244 -29.33 21.05 -21.42
N TRP C 245 -28.67 21.37 -20.30
CA TRP C 245 -27.23 21.51 -20.25
C TRP C 245 -26.67 20.52 -19.24
N TYR C 246 -25.69 19.74 -19.68
CA TYR C 246 -25.10 18.70 -18.84
C TYR C 246 -23.59 18.87 -18.80
N HIS C 247 -23.03 18.73 -17.60
CA HIS C 247 -21.59 18.85 -17.37
C HIS C 247 -21.09 17.49 -16.88
N MET C 248 -20.27 16.83 -17.71
CA MET C 248 -19.73 15.51 -17.41
C MET C 248 -18.21 15.59 -17.52
N TYR C 249 -17.56 15.95 -16.42
CA TYR C 249 -16.10 16.08 -16.37
C TYR C 249 -15.59 15.23 -15.22
N GLY C 250 -14.94 14.11 -15.55
CA GLY C 250 -14.43 13.19 -14.54
C GLY C 250 -13.87 11.92 -15.14
N GLU C 251 -12.89 11.33 -14.45
CA GLU C 251 -12.24 10.13 -14.98
C GLU C 251 -13.13 8.90 -14.87
N ASN C 252 -13.97 8.83 -13.85
CA ASN C 252 -14.78 7.65 -13.58
C ASN C 252 -16.26 7.86 -13.91
N VAL C 253 -16.58 8.78 -14.82
CA VAL C 253 -17.96 9.03 -15.22
C VAL C 253 -18.52 7.78 -15.88
N HIS C 254 -19.48 7.13 -15.21
CA HIS C 254 -19.97 5.84 -15.70
C HIS C 254 -21.04 6.02 -16.79
N LYS C 255 -22.17 6.61 -16.44
CA LYS C 255 -23.29 6.69 -17.37
C LYS C 255 -24.17 7.88 -17.01
N LEU C 256 -24.96 8.31 -17.99
CA LEU C 256 -25.98 9.35 -17.77
C LEU C 256 -27.03 9.15 -18.86
N SER C 257 -28.23 8.71 -18.47
CA SER C 257 -29.24 8.32 -19.44
C SER C 257 -30.53 9.09 -19.19
N ILE C 258 -31.35 9.19 -20.24
CA ILE C 258 -32.67 9.78 -20.18
C ILE C 258 -33.68 8.74 -20.64
N ASN C 259 -34.68 8.46 -19.81
CA ASN C 259 -35.69 7.46 -20.10
C ASN C 259 -37.08 8.09 -20.03
N ILE C 260 -38.04 7.42 -20.65
CA ILE C 260 -39.44 7.84 -20.62
C ILE C 260 -40.25 6.69 -20.02
N SER C 261 -41.02 6.99 -18.98
CA SER C 261 -41.88 6.01 -18.33
C SER C 261 -43.33 6.40 -18.56
N ASN C 262 -44.10 5.50 -19.15
CA ASN C 262 -45.50 5.75 -19.49
C ASN C 262 -46.38 4.64 -18.92
N ASP C 263 -47.69 4.77 -19.17
CA ASP C 263 -48.64 3.77 -18.70
C ASP C 263 -48.49 2.44 -19.42
N GLN C 264 -47.86 2.43 -20.59
CA GLN C 264 -47.65 1.21 -21.35
C GLN C 264 -46.37 0.48 -20.94
N ASN C 265 -45.60 1.03 -19.99
CA ASN C 265 -44.35 0.43 -19.53
C ASN C 265 -43.39 0.20 -20.69
N MET C 266 -43.37 1.13 -21.64
CA MET C 266 -42.48 1.07 -22.80
C MET C 266 -41.48 2.21 -22.72
N GLU C 267 -40.20 1.87 -22.79
CA GLU C 267 -39.13 2.85 -22.73
C GLU C 267 -38.37 2.90 -24.05
N LYS C 268 -38.19 4.11 -24.55
CA LYS C 268 -37.53 4.35 -25.83
C LYS C 268 -36.44 5.41 -25.67
N THR C 269 -35.58 5.23 -24.67
CA THR C 269 -34.52 6.16 -24.31
C THR C 269 -33.84 6.80 -25.53
N VAL C 270 -33.76 8.13 -25.54
CA VAL C 270 -33.25 8.85 -26.69
C VAL C 270 -31.96 9.60 -26.42
N PHE C 271 -31.50 9.62 -25.17
CA PHE C 271 -30.27 10.33 -24.83
C PHE C 271 -29.48 9.49 -23.83
N GLN C 272 -28.19 9.30 -24.14
CA GLN C 272 -27.31 8.51 -23.28
C GLN C 272 -25.88 8.94 -23.53
N LYS C 273 -25.17 9.29 -22.46
CA LYS C 273 -23.78 9.71 -22.55
C LYS C 273 -22.96 8.99 -21.51
N GLU C 274 -21.67 8.82 -21.79
CA GLU C 274 -20.75 8.17 -20.88
C GLU C 274 -19.35 8.73 -21.10
N GLY C 275 -18.51 8.57 -20.08
CA GLY C 275 -17.15 9.04 -20.17
C GLY C 275 -17.00 10.51 -19.85
N ASN C 276 -15.79 11.01 -20.08
CA ASN C 276 -15.45 12.39 -19.80
C ASN C 276 -15.57 13.21 -21.08
N TYR C 277 -16.24 14.36 -20.98
CA TYR C 277 -16.46 15.25 -22.11
C TYR C 277 -15.76 16.60 -21.95
N GLY C 278 -15.17 16.85 -20.79
CA GLY C 278 -14.45 18.09 -20.55
C GLY C 278 -15.14 18.98 -19.54
N ASP C 279 -14.39 19.99 -19.08
CA ASP C 279 -14.88 20.94 -18.08
C ASP C 279 -15.64 22.07 -18.79
N ASN C 280 -16.78 21.68 -19.37
CA ASN C 280 -17.63 22.63 -20.07
C ASN C 280 -19.04 22.06 -20.14
N TRP C 281 -20.03 22.95 -20.07
CA TRP C 281 -21.42 22.55 -20.16
C TRP C 281 -21.77 22.25 -21.62
N ASN C 282 -22.28 21.06 -21.87
CA ASN C 282 -22.68 20.63 -23.21
C ASN C 282 -24.20 20.70 -23.34
N TYR C 283 -24.66 21.13 -24.51
CA TYR C 283 -26.08 21.33 -24.76
C TYR C 283 -26.66 20.07 -25.40
N GLY C 284 -27.69 19.52 -24.77
CA GLY C 284 -28.39 18.34 -25.27
C GLY C 284 -29.82 18.69 -25.63
N GLN C 285 -30.18 18.43 -26.88
CA GLN C 285 -31.50 18.73 -27.41
C GLN C 285 -32.10 17.47 -28.01
N VAL C 286 -33.33 17.15 -27.64
CA VAL C 286 -34.01 15.97 -28.15
C VAL C 286 -35.47 16.31 -28.42
N THR C 287 -36.12 15.47 -29.23
CA THR C 287 -37.53 15.63 -29.56
C THR C 287 -38.35 14.57 -28.85
N LEU C 288 -39.40 15.00 -28.15
CA LEU C 288 -40.27 14.12 -27.40
C LEU C 288 -41.62 13.99 -28.10
N ASN C 289 -42.04 12.74 -28.32
CA ASN C 289 -43.31 12.46 -28.98
C ASN C 289 -43.99 11.34 -28.17
N GLU C 290 -45.23 11.59 -27.76
CA GLU C 290 -45.99 10.63 -26.97
C GLU C 290 -47.48 10.95 -27.09
N THR C 291 -48.31 9.92 -26.91
CA THR C 291 -49.75 10.06 -27.01
C THR C 291 -50.46 10.02 -25.66
N VAL C 292 -49.77 9.63 -24.59
CA VAL C 292 -50.35 9.52 -23.27
C VAL C 292 -49.45 10.24 -22.27
N LYS C 293 -49.86 10.22 -21.00
CA LYS C 293 -49.05 10.83 -19.95
C LYS C 293 -47.75 10.05 -19.77
N PHE C 294 -46.66 10.79 -19.53
CA PHE C 294 -45.36 10.18 -19.40
C PHE C 294 -44.49 11.01 -18.47
N LYS C 295 -43.46 10.37 -17.93
CA LYS C 295 -42.48 11.02 -17.07
C LYS C 295 -41.09 10.84 -17.66
N VAL C 296 -40.30 11.92 -17.61
CA VAL C 296 -38.93 11.91 -18.08
C VAL C 296 -38.00 11.69 -16.90
N ALA C 297 -37.17 10.66 -16.98
CA ALA C 297 -36.26 10.29 -15.89
C ALA C 297 -34.83 10.50 -16.33
N PHE C 298 -34.10 11.31 -15.55
CA PHE C 298 -32.66 11.50 -15.74
C PHE C 298 -31.95 10.61 -14.73
N ASN C 299 -31.30 9.56 -15.23
CA ASN C 299 -30.68 8.58 -14.36
C ASN C 299 -29.16 8.61 -14.49
N ALA C 300 -28.48 8.40 -13.37
CA ALA C 300 -27.02 8.41 -13.35
C ALA C 300 -26.52 7.39 -12.34
N PHE C 301 -25.63 6.51 -12.78
CA PHE C 301 -24.97 5.54 -11.91
C PHE C 301 -23.65 6.16 -11.47
N LYS C 302 -23.63 6.73 -10.27
CA LYS C 302 -22.46 7.42 -9.77
C LYS C 302 -21.39 6.42 -9.34
N ASN C 303 -20.21 6.56 -9.91
CA ASN C 303 -19.07 5.69 -9.60
C ASN C 303 -18.27 6.33 -8.45
N LYS C 304 -17.05 5.87 -8.23
CA LYS C 304 -16.19 6.41 -7.19
C LYS C 304 -15.73 7.82 -7.58
N ILE C 305 -14.80 8.38 -6.82
CA ILE C 305 -14.35 9.76 -6.95
C ILE C 305 -13.94 10.04 -8.39
N LEU C 306 -14.05 11.32 -8.80
CA LEU C 306 -13.80 11.76 -10.18
C LEU C 306 -14.88 11.26 -11.13
N SER C 307 -16.13 11.31 -10.69
CA SER C 307 -17.28 10.90 -11.51
C SER C 307 -18.44 11.87 -11.33
N ASP C 308 -18.14 13.16 -11.21
CA ASP C 308 -19.17 14.16 -10.96
C ASP C 308 -19.94 14.47 -12.23
N ILE C 309 -21.26 14.48 -12.13
CA ILE C 309 -22.16 14.82 -13.24
C ILE C 309 -23.13 15.87 -12.75
N ALA C 310 -23.30 16.94 -13.53
CA ALA C 310 -24.17 18.06 -13.16
C ALA C 310 -25.16 18.35 -14.28
N LEU C 311 -26.34 18.82 -13.89
CA LEU C 311 -27.39 19.19 -14.83
C LEU C 311 -27.89 20.59 -14.51
N ASP C 312 -28.15 21.37 -15.55
CA ASP C 312 -28.62 22.74 -15.37
C ASP C 312 -29.33 23.19 -16.64
N ASP C 313 -30.24 24.16 -16.48
CA ASP C 313 -30.97 24.78 -17.57
C ASP C 313 -31.74 23.73 -18.40
N ILE C 314 -32.68 23.08 -17.73
CA ILE C 314 -33.54 22.09 -18.35
C ILE C 314 -34.89 22.72 -18.65
N SER C 315 -35.37 22.57 -19.87
CA SER C 315 -36.62 23.18 -20.29
C SER C 315 -37.25 22.36 -21.40
N LEU C 316 -38.56 22.53 -21.57
CA LEU C 316 -39.34 21.86 -22.61
C LEU C 316 -40.14 22.92 -23.35
N THR C 317 -40.03 22.94 -24.68
CA THR C 317 -40.70 23.93 -25.51
C THR C 317 -41.65 23.22 -26.47
N TYR C 318 -42.87 23.73 -26.57
CA TYR C 318 -43.85 23.17 -27.49
C TYR C 318 -43.41 23.39 -28.93
N GLY C 319 -43.52 22.35 -29.75
CA GLY C 319 -43.13 22.45 -31.14
C GLY C 319 -41.99 21.54 -31.53
N ILE C 320 -41.80 21.33 -32.83
CA ILE C 320 -40.71 20.49 -33.31
C ILE C 320 -39.38 21.17 -33.05
N CYS C 321 -38.35 20.38 -32.78
CA CYS C 321 -37.02 20.92 -32.50
C CYS C 321 -36.50 21.70 -33.69
N ASN C 322 -35.90 22.86 -33.42
CA ASN C 322 -35.25 23.65 -34.44
C ASN C 322 -33.80 23.21 -34.61
N GLY C 323 -33.09 23.89 -35.51
CA GLY C 323 -31.69 23.60 -35.74
C GLY C 323 -30.84 23.83 -34.51
N SER C 324 -30.10 22.80 -34.09
CA SER C 324 -29.25 22.91 -32.91
C SER C 324 -28.11 23.88 -33.17
N LEU C 325 -27.86 24.76 -32.21
CA LEU C 325 -26.79 25.75 -32.31
C LEU C 325 -25.49 25.28 -31.68
N TYR C 326 -25.45 24.06 -31.16
CA TYR C 326 -24.24 23.53 -30.53
C TYR C 326 -23.93 22.15 -31.09
N PRO C 327 -22.65 21.82 -31.25
CA PRO C 327 -22.28 20.52 -31.80
C PRO C 327 -22.39 19.41 -30.76
N GLU C 328 -22.28 18.17 -31.24
CA GLU C 328 -22.29 17.03 -30.35
C GLU C 328 -21.04 17.02 -29.48
N PRO C 329 -21.13 16.49 -28.26
CA PRO C 329 -19.97 16.49 -27.37
C PRO C 329 -18.85 15.60 -27.88
N THR C 330 -17.62 15.95 -27.51
CA THR C 330 -16.43 15.21 -27.89
C THR C 330 -15.76 14.63 -26.66
N LEU C 331 -15.34 13.38 -26.75
CA LEU C 331 -14.70 12.70 -25.63
C LEU C 331 -13.33 13.31 -25.34
N VAL C 332 -12.96 13.29 -24.07
CA VAL C 332 -11.64 13.80 -23.65
C VAL C 332 -10.56 12.86 -24.18
N PRO C 333 -9.51 13.38 -24.82
CA PRO C 333 -8.45 12.49 -25.32
C PRO C 333 -7.73 11.78 -24.19
N THR C 334 -7.25 10.58 -24.50
CA THR C 334 -6.57 9.72 -23.55
C THR C 334 -5.22 9.30 -24.12
N PRO C 335 -4.26 8.95 -23.27
CA PRO C 335 -2.96 8.48 -23.77
C PRO C 335 -3.13 7.26 -24.65
N PRO C 336 -2.36 7.16 -25.73
CA PRO C 336 -2.55 6.08 -26.70
C PRO C 336 -2.08 4.75 -26.13
N PRO C 337 -2.95 3.74 -26.09
CA PRO C 337 -2.54 2.40 -25.67
C PRO C 337 -2.00 1.51 -26.78
N GLU C 338 -1.64 2.08 -27.94
CA GLU C 338 -1.21 1.28 -29.08
C GLU C 338 0.21 0.76 -28.86
N LEU C 339 0.33 -0.35 -28.14
CA LEU C 339 1.60 -1.00 -27.86
C LEU C 339 2.64 -0.04 -27.28
N PRO C 340 2.42 0.46 -26.05
CA PRO C 340 3.45 1.30 -25.43
C PRO C 340 4.78 0.60 -25.25
N THR C 341 4.74 -0.70 -24.93
CA THR C 341 5.92 -1.54 -24.79
C THR C 341 6.98 -0.90 -23.89
N ASP C 342 8.12 -0.53 -24.49
CA ASP C 342 9.22 0.07 -23.76
C ASP C 342 9.88 1.11 -24.66
N CYS C 343 11.03 1.62 -24.21
CA CYS C 343 11.76 2.62 -24.97
C CYS C 343 12.83 2.01 -25.88
N GLY C 344 12.95 0.69 -25.90
CA GLY C 344 13.94 0.04 -26.76
C GLY C 344 15.36 0.08 -26.27
N GLY C 345 15.82 1.25 -25.81
CA GLY C 345 17.17 1.40 -25.33
C GLY C 345 18.12 1.84 -26.44
N PRO C 346 19.26 2.38 -26.06
CA PRO C 346 20.25 2.84 -27.04
C PRO C 346 20.97 1.65 -27.66
N PHE C 347 21.93 1.96 -28.53
CA PHE C 347 22.69 0.95 -29.26
C PHE C 347 23.89 0.50 -28.43
N GLU C 348 24.69 -0.38 -29.01
CA GLU C 348 25.89 -0.88 -28.34
C GLU C 348 26.92 0.25 -28.21
N LEU C 349 27.63 0.24 -27.09
CA LEU C 349 28.65 1.23 -26.80
C LEU C 349 30.04 0.63 -26.95
N TRP C 350 30.96 1.44 -27.48
CA TRP C 350 32.32 1.01 -27.72
C TRP C 350 33.30 1.96 -27.04
N GLU C 351 34.60 1.81 -27.33
CA GLU C 351 35.61 2.65 -26.71
C GLU C 351 35.44 4.13 -27.03
N PRO C 352 35.26 4.56 -28.29
CA PRO C 352 35.15 6.01 -28.54
C PRO C 352 33.96 6.67 -27.85
N ASN C 353 32.84 5.96 -27.70
CA ASN C 353 31.66 6.50 -27.03
C ASN C 353 31.77 6.20 -25.54
N THR C 354 31.93 7.25 -24.74
CA THR C 354 32.14 7.10 -23.30
C THR C 354 31.00 7.68 -22.48
N THR C 355 30.65 8.94 -22.69
CA THR C 355 29.63 9.60 -21.90
C THR C 355 28.24 9.23 -22.41
N PHE C 356 27.36 8.84 -21.49
CA PHE C 356 26.00 8.48 -21.86
C PHE C 356 25.08 8.67 -20.66
N SER C 357 23.81 8.94 -20.95
CA SER C 357 22.74 9.03 -19.96
C SER C 357 21.72 7.94 -20.25
N SER C 358 20.68 7.87 -19.41
CA SER C 358 19.66 6.85 -19.59
C SER C 358 18.93 7.02 -20.92
N THR C 359 18.12 8.06 -21.03
CA THR C 359 17.60 8.52 -22.31
C THR C 359 17.95 9.99 -22.51
N ASN C 360 17.66 10.80 -21.49
CA ASN C 360 17.96 12.22 -21.51
C ASN C 360 18.03 12.67 -20.05
N PHE C 361 19.25 12.81 -19.53
CA PHE C 361 19.43 13.07 -18.10
C PHE C 361 18.75 14.35 -17.61
N PRO C 362 18.88 15.50 -18.27
CA PRO C 362 18.34 16.74 -17.67
C PRO C 362 16.85 16.69 -17.36
N ASN C 363 16.03 16.10 -18.24
CA ASN C 363 14.59 16.15 -18.00
C ASN C 363 14.07 14.90 -17.29
N SER C 364 14.15 13.75 -17.95
CA SER C 364 13.62 12.49 -17.44
C SER C 364 13.90 11.40 -18.46
N TYR C 365 13.51 10.17 -18.09
CA TYR C 365 13.63 8.97 -18.95
C TYR C 365 12.20 8.43 -19.14
N PRO C 366 11.81 7.94 -20.34
CA PRO C 366 10.44 7.44 -20.56
C PRO C 366 10.10 6.28 -19.64
N ASN C 367 8.82 6.17 -19.32
CA ASN C 367 8.34 5.13 -18.43
C ASN C 367 8.45 3.75 -19.09
N LEU C 368 8.42 2.72 -18.25
CA LEU C 368 8.60 1.33 -18.68
C LEU C 368 9.91 1.17 -19.45
N ALA C 369 10.95 1.85 -18.98
CA ALA C 369 12.24 1.80 -19.64
C ALA C 369 12.93 0.47 -19.41
N PHE C 370 13.54 -0.06 -20.46
CA PHE C 370 14.35 -1.27 -20.39
C PHE C 370 15.64 -1.07 -21.16
N CYS C 371 16.29 0.07 -20.91
CA CYS C 371 17.51 0.42 -21.63
C CYS C 371 18.60 -0.61 -21.38
N VAL C 372 19.25 -1.04 -22.45
CA VAL C 372 20.32 -2.02 -22.41
C VAL C 372 21.57 -1.39 -23.01
N TRP C 373 22.66 -1.40 -22.24
CA TRP C 373 23.96 -0.94 -22.69
C TRP C 373 24.90 -2.13 -22.77
N ILE C 374 25.51 -2.33 -23.94
CA ILE C 374 26.46 -3.41 -24.15
C ILE C 374 27.83 -2.77 -24.17
N LEU C 375 28.48 -2.73 -23.01
CA LEU C 375 29.79 -2.11 -22.88
C LEU C 375 30.87 -3.10 -23.29
N ASN C 376 31.60 -2.78 -24.36
CA ASN C 376 32.67 -3.63 -24.86
C ASN C 376 33.94 -2.82 -25.05
N ALA C 377 35.07 -3.49 -24.96
CA ALA C 377 36.38 -2.85 -25.12
C ALA C 377 37.34 -3.87 -25.73
N GLN C 378 38.62 -3.51 -25.76
CA GLN C 378 39.63 -4.38 -26.31
C GLN C 378 39.79 -5.63 -25.45
N LYS C 379 40.19 -6.73 -26.08
CA LYS C 379 40.40 -7.97 -25.36
C LYS C 379 41.48 -7.82 -24.30
N GLY C 380 41.21 -8.35 -23.10
CA GLY C 380 42.11 -8.25 -21.99
C GLY C 380 41.90 -7.03 -21.11
N LYS C 381 40.95 -6.16 -21.45
CA LYS C 381 40.66 -4.97 -20.66
C LYS C 381 39.45 -5.21 -19.76
N ASN C 382 39.30 -4.31 -18.79
CA ASN C 382 38.16 -4.31 -17.88
C ASN C 382 37.51 -2.93 -17.89
N ILE C 383 36.24 -2.89 -17.47
CA ILE C 383 35.40 -1.71 -17.57
C ILE C 383 35.16 -1.16 -16.16
N GLN C 384 35.39 0.13 -15.99
CA GLN C 384 35.03 0.84 -14.77
C GLN C 384 33.94 1.84 -15.10
N LEU C 385 32.85 1.80 -14.34
CA LEU C 385 31.66 2.61 -14.59
C LEU C 385 31.38 3.44 -13.34
N HIS C 386 32.00 4.62 -13.26
CA HIS C 386 31.80 5.55 -12.15
C HIS C 386 30.74 6.57 -12.55
N PHE C 387 29.76 6.76 -11.68
CA PHE C 387 28.60 7.59 -11.97
C PHE C 387 28.82 8.99 -11.40
N GLN C 388 28.76 10.00 -12.27
CA GLN C 388 28.86 11.39 -11.81
C GLN C 388 27.63 11.76 -10.98
N GLU C 389 26.44 11.44 -11.48
CA GLU C 389 25.19 11.72 -10.78
C GLU C 389 24.31 10.47 -10.81
N PHE C 390 23.71 10.17 -9.67
CA PHE C 390 22.81 9.02 -9.55
C PHE C 390 21.65 9.44 -8.66
N ASP C 391 20.50 9.72 -9.28
CA ASP C 391 19.32 10.25 -8.59
C ASP C 391 18.08 9.49 -9.03
N LEU C 392 18.17 8.16 -8.99
CA LEU C 392 17.06 7.26 -9.40
C LEU C 392 15.91 7.35 -8.38
N GLU C 393 15.08 6.30 -8.32
CA GLU C 393 13.92 6.27 -7.38
C GLU C 393 14.25 5.34 -6.20
N ASN C 394 13.22 4.85 -5.51
CA ASN C 394 13.40 3.93 -4.36
C ASN C 394 13.33 2.47 -4.84
N ILE C 395 12.34 1.72 -4.37
CA ILE C 395 12.17 0.29 -4.77
C ILE C 395 11.17 0.22 -5.94
N ASN C 396 11.47 0.94 -7.03
CA ASN C 396 10.60 0.95 -8.24
C ASN C 396 11.44 0.50 -9.43
N ASP C 397 12.59 1.15 -9.65
CA ASP C 397 13.51 0.82 -10.76
C ASP C 397 14.90 0.56 -10.18
N VAL C 398 15.72 -0.23 -10.87
CA VAL C 398 17.10 -0.54 -10.37
C VAL C 398 18.04 -0.80 -11.55
N VAL C 399 19.23 -0.17 -11.52
CA VAL C 399 20.23 -0.34 -12.56
C VAL C 399 21.05 -1.57 -12.21
N GLU C 400 21.09 -2.53 -13.12
CA GLU C 400 21.77 -3.80 -12.89
C GLU C 400 22.98 -3.92 -13.80
N ILE C 401 24.07 -4.43 -13.26
CA ILE C 401 25.31 -4.63 -14.00
C ILE C 401 25.60 -6.13 -14.04
N ARG C 402 25.74 -6.66 -15.25
CA ARG C 402 25.93 -8.10 -15.47
C ARG C 402 27.27 -8.34 -16.15
N ASP C 403 28.01 -9.30 -15.63
CA ASP C 403 29.27 -9.71 -16.24
C ASP C 403 29.00 -10.40 -17.57
N GLY C 404 29.83 -10.12 -18.57
CA GLY C 404 29.63 -10.66 -19.89
C GLY C 404 30.46 -11.90 -20.19
N GLU C 405 30.96 -11.98 -21.43
CA GLU C 405 31.84 -13.04 -21.90
C GLU C 405 31.09 -14.37 -22.07
N GLU C 406 29.83 -14.40 -21.68
CA GLU C 406 29.03 -15.61 -21.82
C GLU C 406 27.55 -15.24 -21.77
N ALA C 407 26.71 -16.15 -22.26
CA ALA C 407 25.27 -15.92 -22.24
C ALA C 407 24.75 -15.87 -20.81
N ASP C 408 25.25 -16.76 -19.94
CA ASP C 408 24.85 -16.78 -18.54
C ASP C 408 25.56 -15.62 -17.82
N SER C 409 24.95 -14.44 -17.89
CA SER C 409 25.54 -13.26 -17.31
C SER C 409 25.59 -13.37 -15.78
N LEU C 410 26.65 -12.84 -15.19
CA LEU C 410 26.85 -12.85 -13.76
C LEU C 410 26.57 -11.46 -13.19
N LEU C 411 25.68 -11.39 -12.20
CA LEU C 411 25.32 -10.12 -11.61
C LEU C 411 26.53 -9.51 -10.89
N LEU C 412 26.73 -8.22 -11.09
CA LEU C 412 27.84 -7.49 -10.48
C LEU C 412 27.37 -6.49 -9.43
N ALA C 413 26.41 -5.63 -9.75
CA ALA C 413 25.93 -4.65 -8.80
C ALA C 413 24.54 -4.18 -9.19
N VAL C 414 23.69 -3.96 -8.20
CA VAL C 414 22.36 -3.38 -8.38
C VAL C 414 22.32 -2.07 -7.61
N TYR C 415 21.99 -0.99 -8.32
CA TYR C 415 21.99 0.36 -7.75
C TYR C 415 20.61 0.98 -7.86
N THR C 416 20.16 1.63 -6.79
CA THR C 416 18.90 2.34 -6.77
C THR C 416 18.92 3.36 -5.65
N GLY C 417 18.00 4.31 -5.73
CA GLY C 417 17.88 5.33 -4.71
C GLY C 417 18.77 6.52 -4.97
N PRO C 418 18.45 7.66 -4.34
CA PRO C 418 19.28 8.86 -4.52
C PRO C 418 20.63 8.72 -3.84
N GLY C 419 21.58 9.52 -4.32
CA GLY C 419 22.91 9.55 -3.74
C GLY C 419 23.94 8.90 -4.63
N PRO C 420 25.19 9.32 -4.49
CA PRO C 420 26.27 8.73 -5.29
C PRO C 420 26.47 7.26 -4.95
N VAL C 421 26.95 6.50 -5.94
CA VAL C 421 27.17 5.07 -5.80
C VAL C 421 28.63 4.76 -6.15
N LYS C 422 29.12 3.67 -5.60
CA LYS C 422 30.52 3.28 -5.77
C LYS C 422 30.76 2.75 -7.18
N ASP C 423 32.03 2.79 -7.59
CA ASP C 423 32.42 2.29 -8.89
C ASP C 423 32.28 0.78 -8.96
N VAL C 424 32.02 0.27 -10.17
CA VAL C 424 31.83 -1.16 -10.42
C VAL C 424 32.81 -1.59 -11.50
N PHE C 425 33.50 -2.70 -11.26
CA PHE C 425 34.47 -3.25 -12.19
C PHE C 425 34.00 -4.59 -12.71
N SER C 426 34.38 -4.90 -13.94
CA SER C 426 34.02 -6.16 -14.60
C SER C 426 35.24 -7.06 -14.73
N THR C 427 34.98 -8.37 -14.71
CA THR C 427 36.04 -9.36 -14.81
C THR C 427 36.46 -9.64 -16.25
N THR C 428 35.73 -9.10 -17.23
CA THR C 428 36.07 -9.29 -18.63
C THR C 428 35.86 -7.98 -19.37
N ASN C 429 35.94 -8.01 -20.69
CA ASN C 429 35.76 -6.83 -21.53
C ASN C 429 34.32 -6.61 -21.96
N ARG C 430 33.40 -7.44 -21.51
CA ARG C 430 31.98 -7.32 -21.86
C ARG C 430 31.16 -7.10 -20.60
N MET C 431 30.32 -6.07 -20.61
CA MET C 431 29.44 -5.74 -19.51
C MET C 431 28.05 -5.42 -20.06
N THR C 432 27.02 -5.80 -19.29
CA THR C 432 25.64 -5.48 -19.64
C THR C 432 25.06 -4.57 -18.58
N VAL C 433 24.48 -3.45 -19.01
CA VAL C 433 23.84 -2.50 -18.11
C VAL C 433 22.36 -2.49 -18.42
N LEU C 434 21.53 -2.83 -17.44
CA LEU C 434 20.08 -2.90 -17.61
C LEU C 434 19.42 -1.86 -16.73
N LEU C 435 18.54 -1.06 -17.32
CA LEU C 435 17.76 -0.06 -16.60
C LEU C 435 16.35 -0.59 -16.44
N ILE C 436 16.05 -1.19 -15.30
CA ILE C 436 14.77 -1.83 -15.06
C ILE C 436 13.94 -0.86 -14.23
N THR C 437 13.02 -0.16 -14.90
CA THR C 437 12.16 0.82 -14.25
C THR C 437 10.71 0.52 -14.56
N ALA C 438 9.83 0.88 -13.63
CA ALA C 438 8.39 0.68 -13.80
C ALA C 438 7.84 1.83 -14.64
N ASP C 439 6.51 1.92 -14.72
CA ASP C 439 5.84 2.95 -15.52
C ASP C 439 5.61 4.24 -14.75
N VAL C 440 6.07 4.33 -13.50
CA VAL C 440 5.84 5.50 -12.67
C VAL C 440 7.17 5.94 -12.05
N LEU C 441 7.20 7.20 -11.61
CA LEU C 441 8.32 7.78 -10.88
C LEU C 441 9.61 7.68 -11.69
N ALA C 442 9.61 8.36 -12.84
CA ALA C 442 10.77 8.41 -13.73
C ALA C 442 11.56 9.68 -13.44
N ARG C 443 12.69 9.54 -12.75
CA ARG C 443 13.50 10.68 -12.36
C ARG C 443 14.44 11.06 -13.51
N GLY C 444 15.43 11.91 -13.22
CA GLY C 444 16.35 12.34 -14.25
C GLY C 444 17.17 11.20 -14.83
N GLY C 445 17.64 10.28 -13.97
CA GLY C 445 18.41 9.14 -14.40
C GLY C 445 19.81 9.15 -13.81
N PHE C 446 20.76 8.62 -14.58
CA PHE C 446 22.15 8.54 -14.16
C PHE C 446 23.04 8.95 -15.34
N LYS C 447 24.34 8.98 -15.07
CA LYS C 447 25.32 9.40 -16.07
C LYS C 447 26.69 8.94 -15.62
N ALA C 448 27.41 8.23 -16.49
CA ALA C 448 28.71 7.67 -16.15
C ALA C 448 29.68 7.88 -17.30
N ASN C 449 30.98 7.90 -16.98
CA ASN C 449 32.00 8.14 -17.99
C ASN C 449 32.34 6.87 -18.77
N PHE C 450 32.19 5.69 -18.17
CA PHE C 450 32.44 4.42 -18.84
C PHE C 450 33.90 4.34 -19.33
N THR C 451 34.80 4.27 -18.36
CA THR C 451 36.22 4.20 -18.67
C THR C 451 36.67 2.74 -18.77
N THR C 452 37.80 2.55 -19.45
CA THR C 452 38.37 1.22 -19.66
C THR C 452 39.79 1.20 -19.11
N GLY C 453 40.27 0.01 -18.79
CA GLY C 453 41.63 -0.11 -18.28
C GLY C 453 42.07 -1.56 -18.20
N TYR C 454 43.12 -1.78 -17.42
CA TYR C 454 43.66 -3.11 -17.18
C TYR C 454 43.73 -3.33 -15.67
N HIS C 455 42.93 -4.28 -15.18
CA HIS C 455 42.92 -4.65 -13.77
C HIS C 455 42.66 -3.43 -12.87
N LEU C 456 41.67 -2.62 -13.28
CA LEU C 456 41.37 -1.41 -12.53
C LEU C 456 40.89 -1.72 -11.12
N GLY C 457 40.03 -2.73 -10.98
CA GLY C 457 39.54 -3.11 -9.67
C GLY C 457 40.46 -4.01 -8.88
N ILE C 458 41.51 -4.52 -9.50
CA ILE C 458 42.45 -5.41 -8.80
C ILE C 458 43.37 -4.56 -7.92
N PRO C 459 43.52 -4.89 -6.64
CA PRO C 459 44.44 -4.14 -5.79
C PRO C 459 45.88 -4.25 -6.30
N GLU C 460 46.64 -3.18 -6.10
CA GLU C 460 48.01 -3.11 -6.60
C GLU C 460 48.88 -4.15 -5.90
N PRO C 461 49.55 -5.03 -6.63
CA PRO C 461 50.42 -6.02 -6.01
C PRO C 461 51.79 -5.41 -5.70
N CYS C 462 52.63 -6.20 -5.03
CA CYS C 462 53.99 -5.81 -4.69
C CYS C 462 54.97 -6.81 -5.28
N LYS C 463 56.04 -6.29 -5.89
CA LYS C 463 57.04 -7.15 -6.51
C LYS C 463 58.04 -7.64 -5.47
N ALA C 464 58.95 -8.50 -5.93
CA ALA C 464 60.03 -9.06 -5.10
C ALA C 464 59.45 -9.80 -3.88
N ASP C 465 58.72 -10.87 -4.17
CA ASP C 465 58.06 -11.71 -3.15
C ASP C 465 57.07 -10.83 -2.40
N HIS C 466 57.22 -10.62 -1.09
CA HIS C 466 56.30 -9.81 -0.29
C HIS C 466 54.86 -10.33 -0.43
N PHE C 467 54.67 -11.53 0.10
CA PHE C 467 53.41 -12.26 0.01
C PHE C 467 52.23 -11.36 0.37
N GLN C 468 51.21 -11.38 -0.49
CA GLN C 468 50.06 -10.50 -0.39
C GLN C 468 48.81 -11.29 -0.06
N CYS C 469 47.90 -10.65 0.67
CA CYS C 469 46.60 -11.24 0.97
C CYS C 469 45.61 -10.85 -0.13
N LYS C 470 44.32 -11.10 0.11
CA LYS C 470 43.31 -10.75 -0.87
C LYS C 470 43.26 -9.25 -1.11
N ASN C 471 43.36 -8.46 -0.03
CA ASN C 471 43.36 -7.01 -0.17
C ASN C 471 44.67 -6.47 -0.74
N GLY C 472 45.73 -7.28 -0.72
CA GLY C 472 47.02 -6.86 -1.23
C GLY C 472 48.02 -6.44 -0.18
N GLU C 473 47.69 -6.56 1.10
CA GLU C 473 48.64 -6.20 2.15
C GLU C 473 49.81 -7.17 2.15
N CYS C 474 51.02 -6.63 2.31
CA CYS C 474 52.24 -7.43 2.27
C CYS C 474 52.43 -8.12 3.61
N VAL C 475 52.24 -9.44 3.63
CA VAL C 475 52.42 -10.23 4.84
C VAL C 475 53.26 -11.45 4.52
N PRO C 476 54.57 -11.30 4.30
CA PRO C 476 55.40 -12.48 3.98
C PRO C 476 55.46 -13.49 5.11
N LEU C 477 55.84 -13.06 6.31
CA LEU C 477 55.92 -13.94 7.47
C LEU C 477 55.27 -13.38 8.72
N VAL C 478 54.82 -12.12 8.71
CA VAL C 478 54.23 -11.53 9.91
C VAL C 478 52.88 -12.16 10.21
N ASN C 479 52.08 -12.42 9.18
CA ASN C 479 50.74 -12.96 9.33
C ASN C 479 50.53 -14.17 8.41
N LEU C 480 51.50 -15.08 8.41
CA LEU C 480 51.45 -16.26 7.56
C LEU C 480 50.90 -17.44 8.36
N CYS C 481 49.57 -17.45 8.51
CA CYS C 481 48.85 -18.54 9.17
C CYS C 481 49.36 -18.77 10.60
N ASP C 482 49.26 -17.71 11.41
CA ASP C 482 49.74 -17.76 12.78
C ASP C 482 48.73 -17.17 13.77
N GLY C 483 47.48 -16.99 13.35
CA GLY C 483 46.46 -16.47 14.24
C GLY C 483 46.42 -14.96 14.39
N HIS C 484 47.23 -14.23 13.64
CA HIS C 484 47.28 -12.78 13.72
C HIS C 484 46.62 -12.18 12.48
N LEU C 485 45.73 -11.21 12.71
CA LEU C 485 44.98 -10.58 11.62
C LEU C 485 45.57 -9.21 11.34
N HIS C 486 46.02 -9.00 10.11
CA HIS C 486 46.51 -7.70 9.67
C HIS C 486 45.82 -7.26 8.39
N CYS C 487 45.51 -8.24 7.53
CA CYS C 487 44.82 -7.94 6.27
C CYS C 487 43.40 -7.45 6.55
N GLU C 488 42.97 -6.47 5.76
CA GLU C 488 41.62 -5.93 5.92
C GLU C 488 40.56 -6.98 5.62
N ASP C 489 40.78 -7.79 4.58
CA ASP C 489 39.83 -8.85 4.23
C ASP C 489 39.86 -10.02 5.20
N GLY C 490 40.86 -10.07 6.10
CA GLY C 490 40.94 -11.17 7.04
C GLY C 490 41.41 -12.48 6.44
N SER C 491 42.11 -12.44 5.32
CA SER C 491 42.58 -13.64 4.66
C SER C 491 43.96 -14.09 5.13
N ASP C 492 44.52 -13.42 6.15
CA ASP C 492 45.79 -13.86 6.71
C ASP C 492 45.67 -15.23 7.37
N GLU C 493 44.46 -15.65 7.73
CA GLU C 493 44.21 -16.95 8.34
C GLU C 493 43.71 -17.97 7.33
N ALA C 494 44.24 -17.92 6.10
CA ALA C 494 43.85 -18.85 5.07
C ALA C 494 44.23 -20.28 5.48
N ASP C 495 43.63 -21.25 4.77
CA ASP C 495 43.82 -22.65 5.11
C ASP C 495 45.22 -23.13 4.75
N CYS C 496 46.13 -23.09 5.71
CA CYS C 496 47.47 -23.65 5.53
C CYS C 496 47.55 -25.11 5.96
N VAL C 497 46.42 -25.70 6.36
CA VAL C 497 46.32 -27.12 6.68
C VAL C 497 45.20 -27.71 5.84
N ARG C 498 45.48 -28.83 5.18
CA ARG C 498 44.51 -29.44 4.28
C ARG C 498 44.67 -30.96 4.34
N PHE C 499 43.91 -31.63 3.48
CA PHE C 499 43.98 -33.09 3.34
C PHE C 499 44.29 -33.45 1.89
N PHE C 500 45.14 -34.46 1.72
CA PHE C 500 45.57 -34.89 0.40
C PHE C 500 45.40 -36.40 0.28
N ASN C 501 45.28 -36.87 -0.97
CA ASN C 501 45.07 -38.28 -1.29
C ASN C 501 43.80 -38.81 -0.60
N GLY C 502 42.77 -37.98 -0.56
CA GLY C 502 41.52 -38.33 0.10
C GLY C 502 40.37 -38.41 -0.90
N THR C 503 39.47 -39.36 -0.66
CA THR C 503 38.29 -39.53 -1.50
C THR C 503 37.13 -38.65 -1.08
N THR C 504 37.22 -37.98 0.06
CA THR C 504 36.16 -37.10 0.55
C THR C 504 36.81 -36.05 1.45
N ASN C 505 35.96 -35.24 2.10
CA ASN C 505 36.45 -34.20 2.98
C ASN C 505 36.97 -34.72 4.31
N ASN C 506 36.69 -35.98 4.65
CA ASN C 506 37.12 -36.56 5.92
C ASN C 506 38.02 -37.76 5.73
N ASN C 507 38.72 -37.84 4.59
CA ASN C 507 39.62 -38.94 4.30
C ASN C 507 40.92 -38.41 3.73
N GLY C 508 42.00 -39.16 3.93
CA GLY C 508 43.29 -38.79 3.38
C GLY C 508 44.35 -38.56 4.44
N LEU C 509 45.39 -37.82 4.08
CA LEU C 509 46.48 -37.49 4.98
C LEU C 509 46.50 -35.98 5.20
N VAL C 510 46.69 -35.58 6.47
CA VAL C 510 46.68 -34.17 6.83
C VAL C 510 48.06 -33.57 6.55
N ARG C 511 48.08 -32.45 5.83
CA ARG C 511 49.30 -31.74 5.48
C ARG C 511 49.23 -30.30 5.98
N PHE C 512 50.33 -29.84 6.55
CA PHE C 512 50.45 -28.49 7.08
C PHE C 512 51.46 -27.70 6.25
N ARG C 513 51.14 -26.44 5.97
CA ARG C 513 52.02 -25.53 5.24
C ARG C 513 52.67 -24.60 6.25
N ILE C 514 53.93 -24.86 6.59
CA ILE C 514 54.62 -24.04 7.58
C ILE C 514 54.83 -22.63 7.05
N GLN C 515 55.59 -22.50 5.96
CA GLN C 515 55.73 -21.21 5.28
C GLN C 515 55.29 -21.28 3.82
N SER C 516 55.91 -22.14 3.01
CA SER C 516 55.52 -22.32 1.63
C SER C 516 55.51 -23.77 1.17
N ILE C 517 55.88 -24.72 2.03
CA ILE C 517 56.01 -26.12 1.66
C ILE C 517 55.08 -26.94 2.54
N TRP C 518 54.31 -27.84 1.93
CA TRP C 518 53.40 -28.71 2.66
C TRP C 518 54.13 -29.96 3.14
N HIS C 519 53.98 -30.27 4.43
CA HIS C 519 54.57 -31.45 5.03
C HIS C 519 53.50 -32.22 5.78
N THR C 520 53.63 -33.55 5.77
CA THR C 520 52.66 -34.40 6.43
C THR C 520 52.84 -34.37 7.94
N ALA C 521 51.82 -34.86 8.65
CA ALA C 521 51.82 -34.93 10.11
C ALA C 521 52.04 -36.36 10.55
N CYS C 522 52.96 -36.56 11.49
CA CYS C 522 53.32 -37.89 11.95
C CYS C 522 52.42 -38.31 13.12
N ALA C 523 52.60 -39.56 13.56
CA ALA C 523 51.82 -40.12 14.66
C ALA C 523 52.64 -40.21 15.95
N GLU C 524 53.75 -39.48 16.04
CA GLU C 524 54.61 -39.55 17.21
C GLU C 524 53.89 -39.06 18.47
N ASN C 525 53.14 -37.97 18.35
CA ASN C 525 52.45 -37.35 19.48
C ASN C 525 51.01 -37.03 19.14
N TRP C 526 50.30 -38.01 18.57
CA TRP C 526 48.91 -37.82 18.20
C TRP C 526 48.02 -38.11 19.41
N THR C 527 47.16 -37.16 19.75
CA THR C 527 46.27 -37.27 20.90
C THR C 527 44.86 -36.87 20.49
N THR C 528 43.90 -37.13 21.38
CA THR C 528 42.51 -36.79 21.11
C THR C 528 42.32 -35.29 20.98
N GLN C 529 42.98 -34.51 21.85
CA GLN C 529 42.89 -33.06 21.75
C GLN C 529 43.45 -32.56 20.43
N ILE C 530 44.57 -33.12 19.99
CA ILE C 530 45.13 -32.75 18.70
C ILE C 530 44.19 -33.14 17.57
N SER C 531 43.53 -34.28 17.69
CA SER C 531 42.55 -34.68 16.69
C SER C 531 41.39 -33.69 16.61
N ASN C 532 40.89 -33.24 17.77
CA ASN C 532 39.83 -32.25 17.78
C ASN C 532 40.30 -30.93 17.19
N ASP C 533 41.53 -30.53 17.49
CA ASP C 533 42.07 -29.29 16.92
C ASP C 533 42.19 -29.40 15.41
N VAL C 534 42.62 -30.55 14.90
CA VAL C 534 42.70 -30.76 13.46
C VAL C 534 41.31 -30.70 12.84
N CYS C 535 40.32 -31.30 13.51
CA CYS C 535 38.94 -31.23 13.03
C CYS C 535 38.47 -29.77 12.94
N GLN C 536 38.76 -28.99 13.98
CA GLN C 536 38.35 -27.58 13.99
C GLN C 536 39.04 -26.78 12.89
N LEU C 537 40.35 -26.99 12.71
CA LEU C 537 41.09 -26.24 11.70
C LEU C 537 40.66 -26.61 10.29
N LEU C 538 40.21 -27.84 10.08
CA LEU C 538 39.75 -28.29 8.77
C LEU C 538 38.24 -28.09 8.58
N GLY C 539 37.56 -27.46 9.54
CA GLY C 539 36.13 -27.27 9.44
C GLY C 539 35.34 -28.57 9.50
N LEU C 540 35.71 -29.46 10.42
CA LEU C 540 35.08 -30.76 10.57
C LEU C 540 34.37 -30.84 11.91
N GLY C 541 33.83 -32.02 12.21
CA GLY C 541 33.01 -32.24 13.39
C GLY C 541 33.77 -32.88 14.53
N SER C 542 33.13 -33.85 15.18
CA SER C 542 33.71 -34.47 16.36
C SER C 542 34.93 -35.31 15.98
N GLY C 543 35.94 -35.28 16.85
CA GLY C 543 37.18 -35.99 16.60
C GLY C 543 37.12 -37.47 16.94
N ASN C 544 36.51 -38.25 16.06
CA ASN C 544 36.36 -39.68 16.28
C ASN C 544 37.72 -40.37 16.22
N SER C 545 37.71 -41.68 16.44
CA SER C 545 38.95 -42.45 16.48
C SER C 545 39.64 -42.46 15.12
N SER C 546 40.96 -42.33 15.14
CA SER C 546 41.76 -42.34 13.92
C SER C 546 43.09 -43.00 14.21
N LYS C 547 43.57 -43.81 13.26
CA LYS C 547 44.82 -44.52 13.42
C LYS C 547 45.65 -44.38 12.15
N PRO C 548 46.99 -44.38 12.28
CA PRO C 548 47.84 -44.31 11.09
C PRO C 548 47.76 -45.57 10.26
N ILE C 549 48.03 -45.44 8.97
CA ILE C 549 47.93 -46.56 8.04
C ILE C 549 49.28 -46.81 7.38
N PHE C 550 49.78 -45.84 6.63
CA PHE C 550 51.04 -45.99 5.92
C PHE C 550 51.66 -44.62 5.71
N PRO C 551 52.99 -44.51 5.77
CA PRO C 551 53.66 -43.23 5.52
C PRO C 551 53.90 -42.99 4.04
N THR C 552 54.00 -41.70 3.70
CA THR C 552 54.27 -41.29 2.33
C THR C 552 55.46 -40.33 2.27
N ASP C 553 55.64 -39.54 3.32
CA ASP C 553 56.70 -38.54 3.39
C ASP C 553 57.78 -39.03 4.36
N GLY C 554 58.93 -39.40 3.83
CA GLY C 554 60.06 -39.83 4.63
C GLY C 554 61.01 -38.74 5.04
N GLY C 555 60.71 -37.48 4.73
CA GLY C 555 61.57 -36.37 5.06
C GLY C 555 61.20 -35.71 6.37
N PRO C 556 61.43 -34.40 6.47
CA PRO C 556 61.13 -33.69 7.71
C PRO C 556 59.63 -33.50 7.93
N PHE C 557 58.96 -34.55 8.41
CA PHE C 557 57.54 -34.46 8.68
C PHE C 557 57.26 -33.54 9.87
N VAL C 558 56.04 -33.01 9.90
CA VAL C 558 55.63 -32.07 10.94
C VAL C 558 55.14 -32.85 12.15
N LYS C 559 55.78 -32.63 13.29
CA LYS C 559 55.35 -33.19 14.56
C LYS C 559 54.35 -32.25 15.22
N LEU C 560 53.28 -32.81 15.77
CA LEU C 560 52.20 -32.04 16.36
C LEU C 560 52.34 -32.03 17.88
N ASN C 561 52.21 -30.86 18.49
CA ASN C 561 52.30 -30.70 19.93
C ASN C 561 51.16 -29.82 20.41
N THR C 562 50.81 -29.98 21.68
CA THR C 562 49.75 -29.22 22.31
C THR C 562 50.29 -27.94 22.94
N ALA C 563 49.51 -26.87 22.87
CA ALA C 563 49.89 -25.58 23.43
C ALA C 563 48.73 -24.99 24.19
N PRO C 564 49.00 -24.22 25.25
CA PRO C 564 47.90 -23.64 26.05
C PRO C 564 47.07 -22.60 25.31
N ASP C 565 47.58 -22.02 24.21
CA ASP C 565 46.86 -20.98 23.52
C ASP C 565 45.83 -21.51 22.52
N GLY C 566 45.70 -22.83 22.40
CA GLY C 566 44.76 -23.42 21.48
C GLY C 566 45.25 -23.62 20.06
N HIS C 567 46.50 -23.26 19.77
CA HIS C 567 47.09 -23.44 18.45
C HIS C 567 48.10 -24.57 18.51
N LEU C 568 47.97 -25.53 17.60
CA LEU C 568 48.87 -26.67 17.58
C LEU C 568 50.29 -26.24 17.24
N ILE C 569 51.26 -26.75 17.99
CA ILE C 569 52.66 -26.48 17.73
C ILE C 569 53.15 -27.43 16.65
N LEU C 570 53.68 -26.87 15.56
CA LEU C 570 54.17 -27.64 14.43
C LEU C 570 55.69 -27.61 14.45
N THR C 571 56.30 -28.80 14.55
CA THR C 571 57.75 -28.91 14.56
C THR C 571 58.23 -29.55 13.27
N PRO C 572 58.92 -28.82 12.39
CA PRO C 572 59.43 -29.41 11.14
C PRO C 572 60.74 -30.15 11.34
N SER C 573 60.74 -31.15 12.21
CA SER C 573 61.91 -31.94 12.53
C SER C 573 61.61 -33.42 12.32
N GLN C 574 62.52 -34.11 11.63
CA GLN C 574 62.38 -35.55 11.39
C GLN C 574 63.00 -36.29 12.56
N GLN C 575 62.20 -36.51 13.59
CA GLN C 575 62.66 -37.20 14.81
C GLN C 575 62.50 -38.70 14.74
N CYS C 576 61.93 -39.24 13.67
CA CYS C 576 61.73 -40.67 13.53
C CYS C 576 61.94 -41.07 12.07
N LEU C 577 62.19 -42.36 11.87
CA LEU C 577 62.43 -42.91 10.54
C LEU C 577 61.27 -43.80 10.13
N GLN C 578 60.68 -43.52 8.97
CA GLN C 578 59.57 -44.29 8.42
C GLN C 578 58.40 -44.36 9.41
N ASP C 579 58.12 -43.24 10.08
CA ASP C 579 57.00 -43.20 11.01
C ASP C 579 55.69 -43.15 10.25
N SER C 580 54.72 -43.94 10.71
CA SER C 580 53.41 -43.98 10.07
C SER C 580 52.69 -42.64 10.21
N LEU C 581 52.02 -42.22 9.14
CA LEU C 581 51.34 -40.94 9.12
C LEU C 581 49.87 -41.11 9.51
N ILE C 582 49.36 -40.15 10.27
CA ILE C 582 47.98 -40.20 10.74
C ILE C 582 47.03 -40.00 9.56
N ARG C 583 46.04 -40.87 9.44
CA ARG C 583 44.99 -40.73 8.45
C ARG C 583 43.82 -39.97 9.04
N LEU C 584 43.34 -38.96 8.32
CA LEU C 584 42.26 -38.11 8.81
C LEU C 584 40.97 -38.91 8.90
N GLN C 585 40.41 -38.98 10.11
CA GLN C 585 39.12 -39.63 10.36
C GLN C 585 38.35 -38.75 11.34
N CYS C 586 37.56 -37.82 10.81
CA CYS C 586 36.75 -36.92 11.62
C CYS C 586 35.29 -37.01 11.20
N ASN C 587 34.40 -36.77 12.16
CA ASN C 587 32.97 -36.84 11.91
C ASN C 587 32.47 -35.57 11.25
N HIS C 588 31.20 -35.60 10.85
CA HIS C 588 30.57 -34.43 10.26
C HIS C 588 30.32 -33.35 11.31
N LYS C 589 30.18 -32.11 10.83
CA LYS C 589 29.97 -30.98 11.72
C LYS C 589 28.64 -31.10 12.46
N SER C 590 28.60 -30.51 13.66
CA SER C 590 27.41 -30.53 14.49
C SER C 590 26.40 -29.54 13.90
N CYS C 591 25.68 -30.01 12.88
CA CYS C 591 24.71 -29.18 12.17
C CYS C 591 23.41 -29.08 12.94
N GLY C 592 22.34 -28.65 12.26
CA GLY C 592 21.05 -28.48 12.88
C GLY C 592 20.32 -29.78 13.15
N LYS C 593 20.83 -30.57 14.09
CA LYS C 593 20.18 -31.81 14.46
C LYS C 593 18.80 -31.54 15.03
N LYS C 594 17.86 -32.43 14.76
CA LYS C 594 16.46 -32.20 15.12
C LYS C 594 16.25 -32.38 16.62
N LEU C 595 16.70 -31.38 17.39
CA LEU C 595 16.44 -31.35 18.83
C LEU C 595 15.19 -30.55 19.17
N ALA C 596 14.48 -30.05 18.18
CA ALA C 596 13.28 -29.26 18.40
C ALA C 596 12.06 -30.19 18.51
N ALA C 597 10.86 -29.61 18.48
CA ALA C 597 9.62 -30.35 18.58
C ALA C 597 9.04 -30.73 17.22
N GLN C 598 9.79 -30.53 16.14
CA GLN C 598 9.29 -30.86 14.81
C GLN C 598 9.00 -32.35 14.70
N ASP C 599 7.85 -32.68 14.11
CA ASP C 599 7.41 -34.06 13.97
C ASP C 599 7.73 -34.58 12.58
N ILE C 600 7.77 -35.91 12.47
CA ILE C 600 8.02 -36.61 11.22
C ILE C 600 6.81 -37.48 10.91
N THR C 601 6.28 -37.35 9.69
CA THR C 601 5.11 -38.10 9.28
C THR C 601 5.54 -39.44 8.70
N PRO C 602 5.15 -40.57 9.30
CA PRO C 602 5.57 -41.89 8.80
C PRO C 602 4.67 -42.41 7.69
N LYS C 603 4.59 -41.67 6.59
CA LYS C 603 3.76 -42.14 5.46
C LYS C 603 4.58 -42.08 4.16
#